data_6NBL
#
_entry.id   6NBL
#
_cell.length_a   57.360
_cell.length_b   110.300
_cell.length_c   88.620
_cell.angle_alpha   90.00
_cell.angle_beta   107.67
_cell.angle_gamma   90.00
#
_symmetry.space_group_name_H-M   'P 1 21 1'
#
loop_
_entity.id
_entity.type
_entity.pdbx_description
1 polymer 'Camphor 5-monooxygenase'
2 polymer Putidaredoxin
3 non-polymer 'PROTOPORPHYRIN IX CONTAINING FE'
4 non-polymer 'CYANIDE ION'
5 non-polymer CAMPHOR
6 non-polymer 'CALCIUM ION'
7 non-polymer "1,1'-hexane-1,6-diyldipyrrolidine-2,5-dione"
8 non-polymer 'FE2/S2 (INORGANIC) CLUSTER'
9 water water
#
loop_
_entity_poly.entity_id
_entity_poly.type
_entity_poly.pdbx_seq_one_letter_code
_entity_poly.pdbx_strand_id
1 'polypeptide(L)'
;MTTETIQSNANLAPLPPHVPEHLVFDFDMYNPSNLSAGVQEAWAVLQESNVPDLVWTRSNGGHWIATRGQLIREAYEDYR
HFSSESPFIPREAGEAYDFIPTSMDPPEQRQFRALANQVVGMPVVDKLENRIQELASSLIESLRPQGQCNFTEDYAEPFP
IRIFMLLAGLPEEDIPHLKYLTDQMTRPDGSMTFAEAKEALYDYLIPIIEQRRQKPGTDAISIVANGQVNGRPITSDEAK
RMCGLLLVGGLDTVVNFLSFSMEFLAKSPEHRQELIERPERIPAASEELLRRFSLVADGRILTSDYEFHGVQLKKGDQIL
LPQMLSGLDERENAAPMHVDFSRQCVSHTTFGHGSHLCLGQHLARREIIVTLKEWLTRIPDFSIAPGAQIQHKSGIVSGV
QALPLVWDPATTKAV
;
A,B
2 'polypeptide(L)'
;HHHHHHSKVVYVSHDGTRRELDVACGVSLMQAAVSNGIYDIVGDCGGSASCATCHVYVNEAFTDKVPAANEREIGMLESV
TAELKPNSRLCCQIIMTPELDGIVVDVPDRQW
;
C,D
#
# COMPACT_ATOMS: atom_id res chain seq x y z
N ASN A 11 -6.93 -5.96 -30.74
CA ASN A 11 -6.65 -4.54 -30.79
C ASN A 11 -5.26 -4.28 -31.39
N LEU A 12 -5.23 -3.58 -32.52
CA LEU A 12 -4.01 -3.37 -33.29
C LEU A 12 -3.84 -1.90 -33.59
N ALA A 13 -2.72 -1.32 -33.14
CA ALA A 13 -2.50 0.10 -33.26
C ALA A 13 -2.20 0.50 -34.71
N PRO A 14 -2.43 1.76 -35.07
CA PRO A 14 -2.09 2.20 -36.42
C PRO A 14 -0.59 2.23 -36.66
N LEU A 15 -0.20 1.99 -37.90
CA LEU A 15 1.19 1.93 -38.29
C LEU A 15 1.76 3.34 -38.38
N PRO A 16 2.83 3.67 -37.64
CA PRO A 16 3.42 5.00 -37.76
C PRO A 16 3.94 5.23 -39.17
N PRO A 17 3.96 6.48 -39.63
CA PRO A 17 4.28 6.74 -41.04
C PRO A 17 5.68 6.32 -41.45
N HIS A 18 6.60 6.10 -40.51
CA HIS A 18 7.97 5.78 -40.84
C HIS A 18 8.27 4.28 -40.83
N VAL A 19 7.28 3.44 -40.56
CA VAL A 19 7.48 1.99 -40.46
C VAL A 19 7.07 1.38 -41.80
N PRO A 20 8.00 0.83 -42.58
CA PRO A 20 7.62 0.20 -43.85
C PRO A 20 6.81 -1.06 -43.61
N GLU A 21 5.95 -1.39 -44.59
CA GLU A 21 5.01 -2.49 -44.43
C GLU A 21 5.72 -3.83 -44.27
N HIS A 22 6.86 -4.02 -44.95
CA HIS A 22 7.52 -5.32 -44.91
C HIS A 22 8.13 -5.63 -43.54
N LEU A 23 8.27 -4.64 -42.66
CA LEU A 23 8.78 -4.88 -41.31
C LEU A 23 7.68 -5.19 -40.31
N VAL A 24 6.41 -5.15 -40.72
CA VAL A 24 5.31 -5.44 -39.81
C VAL A 24 5.23 -6.94 -39.56
N PHE A 25 5.19 -7.34 -38.30
CA PHE A 25 5.13 -8.74 -37.91
C PHE A 25 4.06 -8.92 -36.85
N ASP A 26 3.27 -9.99 -36.99
CA ASP A 26 2.20 -10.33 -36.06
C ASP A 26 2.80 -10.97 -34.81
N PHE A 27 2.91 -10.21 -33.72
CA PHE A 27 3.41 -10.79 -32.47
C PHE A 27 2.86 -10.04 -31.27
N ASP A 28 2.10 -10.75 -30.45
CA ASP A 28 1.59 -10.24 -29.18
C ASP A 28 2.44 -10.84 -28.06
N MET A 29 3.23 -10.00 -27.39
CA MET A 29 4.14 -10.50 -26.35
C MET A 29 3.41 -11.07 -25.14
N TYR A 30 2.13 -10.78 -24.97
CA TYR A 30 1.36 -11.34 -23.86
C TYR A 30 0.53 -12.55 -24.27
N ASN A 31 0.41 -12.83 -25.56
CA ASN A 31 -0.30 -14.01 -26.03
C ASN A 31 0.29 -14.50 -27.34
N PRO A 32 1.51 -15.04 -27.36
CA PRO A 32 2.09 -15.48 -28.64
C PRO A 32 1.44 -16.76 -29.12
N SER A 33 1.41 -16.91 -30.46
CA SER A 33 0.53 -17.91 -31.07
C SER A 33 0.91 -19.35 -30.71
N ASN A 34 2.21 -19.67 -30.72
CA ASN A 34 2.66 -21.04 -30.50
C ASN A 34 2.90 -21.37 -29.04
N LEU A 35 2.19 -20.71 -28.12
CA LEU A 35 2.50 -20.79 -26.70
C LEU A 35 2.45 -22.23 -26.17
N SER A 36 1.60 -23.08 -26.75
CA SER A 36 1.47 -24.44 -26.24
C SER A 36 2.73 -25.27 -26.47
N ALA A 37 3.57 -24.90 -27.45
CA ALA A 37 4.86 -25.54 -27.63
C ALA A 37 5.88 -25.13 -26.57
N GLY A 38 5.56 -24.13 -25.74
CA GLY A 38 6.48 -23.58 -24.79
C GLY A 38 6.76 -22.11 -25.07
N VAL A 39 6.92 -21.28 -24.04
CA VAL A 39 7.00 -19.84 -24.28
C VAL A 39 8.27 -19.48 -25.04
N GLN A 40 9.42 -20.09 -24.68
CA GLN A 40 10.64 -19.84 -25.43
C GLN A 40 10.47 -20.18 -26.90
N GLU A 41 9.85 -21.33 -27.19
CA GLU A 41 9.60 -21.71 -28.58
C GLU A 41 8.66 -20.70 -29.25
N ALA A 42 7.67 -20.20 -28.51
CA ALA A 42 6.74 -19.22 -29.06
C ALA A 42 7.46 -17.94 -29.47
N TRP A 43 8.44 -17.51 -28.67
CA TRP A 43 9.21 -16.32 -29.03
C TRP A 43 10.16 -16.59 -30.18
N ALA A 44 10.63 -17.83 -30.32
CA ALA A 44 11.57 -18.16 -31.38
C ALA A 44 10.97 -18.06 -32.78
N VAL A 45 9.65 -17.95 -32.91
CA VAL A 45 9.09 -17.70 -34.24
C VAL A 45 9.61 -16.37 -34.78
N LEU A 46 10.02 -15.46 -33.88
CA LEU A 46 10.64 -14.22 -34.30
C LEU A 46 11.99 -14.43 -34.95
N GLN A 47 12.55 -15.65 -34.88
CA GLN A 47 13.89 -15.91 -35.39
C GLN A 47 13.89 -16.89 -36.56
N GLU A 48 12.74 -17.18 -37.14
CA GLU A 48 12.68 -18.04 -38.31
C GLU A 48 13.35 -17.38 -39.51
N SER A 49 13.67 -18.20 -40.51
CA SER A 49 14.62 -17.80 -41.55
C SER A 49 14.20 -16.54 -42.29
N ASN A 50 12.89 -16.31 -42.44
CA ASN A 50 12.40 -15.22 -43.27
C ASN A 50 11.98 -13.97 -42.48
N VAL A 51 12.31 -13.89 -41.20
CA VAL A 51 11.89 -12.79 -40.35
C VAL A 51 13.03 -11.78 -40.27
N PRO A 52 12.78 -10.49 -40.48
CA PRO A 52 13.85 -9.50 -40.37
C PRO A 52 14.41 -9.45 -38.95
N ASP A 53 15.61 -8.87 -38.84
CA ASP A 53 16.26 -8.73 -37.54
C ASP A 53 15.56 -7.73 -36.64
N LEU A 54 14.81 -6.80 -37.22
CA LEU A 54 14.14 -5.74 -36.47
C LEU A 54 12.77 -5.57 -37.08
N VAL A 55 11.73 -5.93 -36.32
CA VAL A 55 10.36 -5.92 -36.82
C VAL A 55 9.53 -4.97 -35.97
N TRP A 56 8.34 -4.64 -36.49
CA TRP A 56 7.37 -3.82 -35.80
C TRP A 56 6.07 -4.62 -35.67
N THR A 57 5.48 -4.61 -34.47
CA THR A 57 4.22 -5.31 -34.26
C THR A 57 3.14 -4.29 -33.89
N ARG A 58 1.93 -4.50 -34.43
CA ARG A 58 0.81 -3.63 -34.10
C ARG A 58 0.28 -3.85 -32.69
N SER A 59 0.65 -4.96 -32.05
CA SER A 59 0.06 -5.30 -30.77
C SER A 59 0.57 -4.38 -29.65
N ASN A 60 -0.19 -4.33 -28.58
CA ASN A 60 0.18 -3.64 -27.33
C ASN A 60 0.66 -2.21 -27.60
N GLY A 61 -0.11 -1.49 -28.41
CA GLY A 61 0.19 -0.12 -28.71
C GLY A 61 1.20 0.11 -29.81
N GLY A 62 1.76 -0.96 -30.39
CA GLY A 62 2.74 -0.82 -31.45
C GLY A 62 4.15 -0.55 -30.93
N HIS A 63 5.10 -1.39 -31.34
CA HIS A 63 6.48 -1.25 -30.87
C HIS A 63 7.39 -2.12 -31.72
N TRP A 64 8.66 -1.75 -31.76
CA TRP A 64 9.69 -2.53 -32.40
C TRP A 64 10.06 -3.75 -31.56
N ILE A 65 10.54 -4.80 -32.24
CA ILE A 65 11.13 -5.97 -31.58
C ILE A 65 12.43 -6.30 -32.32
N ALA A 66 13.56 -6.21 -31.61
CA ALA A 66 14.82 -6.72 -32.13
C ALA A 66 14.90 -8.22 -31.84
N THR A 67 15.23 -9.00 -32.87
CA THR A 67 15.13 -10.46 -32.79
C THR A 67 16.48 -11.17 -32.68
N ARG A 68 17.60 -10.44 -32.77
CA ARG A 68 18.92 -11.06 -32.80
C ARG A 68 19.77 -10.53 -31.66
N GLY A 69 20.63 -11.41 -31.12
CA GLY A 69 21.46 -11.02 -29.99
C GLY A 69 22.35 -9.83 -30.29
N GLN A 70 22.87 -9.75 -31.51
CA GLN A 70 23.77 -8.67 -31.87
C GLN A 70 23.08 -7.31 -31.75
N LEU A 71 21.86 -7.19 -32.26
CA LEU A 71 21.14 -5.93 -32.13
C LEU A 71 20.71 -5.68 -30.70
N ILE A 72 20.32 -6.75 -29.98
CA ILE A 72 19.89 -6.59 -28.60
C ILE A 72 21.05 -6.08 -27.74
N ARG A 73 22.25 -6.65 -27.94
CA ARG A 73 23.40 -6.21 -27.15
C ARG A 73 23.80 -4.78 -27.49
N GLU A 74 23.79 -4.42 -28.78
CA GLU A 74 24.20 -3.07 -29.16
C GLU A 74 23.24 -2.02 -28.65
N ALA A 75 21.93 -2.30 -28.70
CA ALA A 75 20.96 -1.32 -28.24
C ALA A 75 21.12 -1.05 -26.74
N TYR A 76 21.26 -2.10 -25.93
CA TYR A 76 21.46 -1.90 -24.49
C TYR A 76 22.75 -1.17 -24.16
N GLU A 77 23.75 -1.23 -25.04
CA GLU A 77 25.00 -0.51 -24.82
C GLU A 77 24.96 0.93 -25.34
N ASP A 78 24.09 1.24 -26.31
CA ASP A 78 24.12 2.53 -27.01
C ASP A 78 23.37 3.56 -26.18
N TYR A 79 24.07 4.19 -25.23
CA TYR A 79 23.49 5.22 -24.38
C TYR A 79 23.11 6.48 -25.12
N ARG A 80 23.49 6.62 -26.40
CA ARG A 80 23.17 7.85 -27.12
C ARG A 80 21.70 7.91 -27.51
N HIS A 81 21.18 6.83 -28.09
CA HIS A 81 19.86 6.86 -28.70
C HIS A 81 18.83 5.99 -28.00
N PHE A 82 19.23 5.16 -27.05
CA PHE A 82 18.31 4.31 -26.32
C PHE A 82 18.32 4.67 -24.84
N SER A 83 17.13 4.76 -24.26
CA SER A 83 17.02 5.11 -22.86
C SER A 83 17.62 4.01 -21.98
N SER A 84 17.70 4.30 -20.68
CA SER A 84 18.07 3.30 -19.69
C SER A 84 16.86 2.70 -19.00
N GLU A 85 15.70 3.33 -19.10
CA GLU A 85 14.48 2.88 -18.46
C GLU A 85 13.54 2.25 -19.48
N SER A 86 12.68 1.34 -19.00
CA SER A 86 11.76 0.61 -19.86
C SER A 86 10.42 1.32 -19.96
N PRO A 87 9.90 1.56 -21.16
CA PRO A 87 8.54 2.10 -21.30
C PRO A 87 7.46 1.05 -21.19
N PHE A 88 7.82 -0.23 -21.26
CA PHE A 88 6.82 -1.29 -21.26
C PHE A 88 6.28 -1.46 -19.85
N ILE A 89 5.04 -1.04 -19.65
CA ILE A 89 4.39 -1.15 -18.36
C ILE A 89 3.79 -2.55 -18.27
N PRO A 90 4.16 -3.34 -17.28
CA PRO A 90 3.47 -4.62 -17.07
C PRO A 90 2.00 -4.37 -16.75
N ARG A 91 1.13 -5.21 -17.31
CA ARG A 91 -0.30 -5.04 -17.11
C ARG A 91 -0.68 -5.24 -15.65
N GLU A 92 0.04 -6.10 -14.93
CA GLU A 92 -0.20 -6.25 -13.50
C GLU A 92 0.35 -5.04 -12.75
N ALA A 93 -0.39 -4.61 -11.71
CA ALA A 93 0.03 -3.43 -10.97
C ALA A 93 1.28 -3.71 -10.16
N GLY A 94 1.43 -4.94 -9.64
CA GLY A 94 2.59 -5.27 -8.83
C GLY A 94 3.88 -5.30 -9.62
N GLU A 95 3.83 -5.77 -10.87
CA GLU A 95 5.02 -5.82 -11.70
C GLU A 95 5.40 -4.48 -12.31
N ALA A 96 4.53 -3.48 -12.25
CA ALA A 96 4.82 -2.19 -12.86
C ALA A 96 5.51 -1.22 -11.90
N TYR A 97 5.52 -1.50 -10.60
CA TYR A 97 6.02 -0.53 -9.64
C TYR A 97 7.54 -0.55 -9.60
N ASP A 98 8.14 0.65 -9.66
CA ASP A 98 9.57 0.85 -9.48
C ASP A 98 9.80 1.35 -8.05
N PHE A 99 10.34 0.48 -7.20
CA PHE A 99 10.61 0.86 -5.81
C PHE A 99 11.62 1.99 -5.72
N ILE A 100 12.50 2.12 -6.71
CA ILE A 100 13.40 3.26 -6.83
C ILE A 100 12.94 4.07 -8.04
N PRO A 101 12.53 5.33 -7.86
CA PRO A 101 11.80 6.04 -8.93
C PRO A 101 12.60 6.16 -10.22
N THR A 102 11.87 6.22 -11.34
CA THR A 102 12.49 6.28 -12.66
C THR A 102 13.08 7.66 -12.96
N SER A 103 12.63 8.70 -12.25
CA SER A 103 13.14 10.05 -12.47
C SER A 103 14.54 10.27 -11.90
N MET A 104 15.17 9.22 -11.38
CA MET A 104 16.49 9.35 -10.77
C MET A 104 17.56 9.66 -11.82
N ASP A 105 18.62 10.32 -11.37
CA ASP A 105 19.76 10.68 -12.19
C ASP A 105 20.89 9.67 -12.02
N PRO A 106 21.82 9.59 -12.98
CA PRO A 106 22.92 8.64 -12.88
C PRO A 106 23.69 8.72 -11.57
N PRO A 107 23.88 9.92 -10.98
CA PRO A 107 24.50 9.95 -9.63
C PRO A 107 23.77 9.10 -8.60
N GLU A 108 22.44 9.19 -8.53
CA GLU A 108 21.70 8.39 -7.57
C GLU A 108 21.62 6.93 -8.00
N GLN A 109 21.51 6.67 -9.30
CA GLN A 109 21.47 5.29 -9.78
C GLN A 109 22.71 4.52 -9.36
N ARG A 110 23.88 5.14 -9.48
CA ARG A 110 25.11 4.48 -9.07
C ARG A 110 25.12 4.19 -7.57
N GLN A 111 24.66 5.15 -6.76
CA GLN A 111 24.68 4.98 -5.31
C GLN A 111 23.77 3.85 -4.86
N PHE A 112 22.64 3.63 -5.53
CA PHE A 112 21.76 2.54 -5.12
CA PHE A 112 21.76 2.55 -5.12
CA PHE A 112 21.72 2.55 -5.18
C PHE A 112 22.25 1.20 -5.63
N ARG A 113 22.90 1.16 -6.80
CA ARG A 113 23.56 -0.08 -7.24
C ARG A 113 24.65 -0.48 -6.25
N ALA A 114 25.42 0.52 -5.79
CA ALA A 114 26.46 0.26 -4.80
C ALA A 114 25.86 -0.32 -3.52
N LEU A 115 24.77 0.29 -3.04
CA LEU A 115 24.16 -0.19 -1.79
C LEU A 115 23.55 -1.57 -1.98
N ALA A 116 22.87 -1.81 -3.10
CA ALA A 116 22.35 -3.15 -3.37
C ALA A 116 23.48 -4.16 -3.48
N ASN A 117 24.63 -3.75 -4.01
CA ASN A 117 25.77 -4.65 -4.12
C ASN A 117 26.31 -5.06 -2.75
N GLN A 118 26.23 -4.16 -1.77
CA GLN A 118 26.60 -4.52 -0.39
C GLN A 118 25.69 -5.58 0.20
N VAL A 119 24.49 -5.77 -0.37
CA VAL A 119 23.49 -6.64 0.22
C VAL A 119 23.44 -8.01 -0.47
N VAL A 120 23.62 -8.03 -1.79
CA VAL A 120 23.44 -9.29 -2.54
C VAL A 120 24.61 -9.54 -3.47
N GLY A 121 25.70 -8.78 -3.32
CA GLY A 121 26.87 -8.98 -4.15
C GLY A 121 27.50 -10.35 -3.95
N MET A 122 28.48 -10.65 -4.79
CA MET A 122 29.16 -11.94 -4.72
C MET A 122 29.78 -12.25 -3.37
N PRO A 123 30.49 -11.33 -2.70
CA PRO A 123 31.01 -11.66 -1.35
C PRO A 123 29.92 -12.12 -0.38
N VAL A 124 28.75 -11.48 -0.43
CA VAL A 124 27.66 -11.86 0.47
C VAL A 124 27.14 -13.26 0.12
N VAL A 125 27.03 -13.57 -1.17
CA VAL A 125 26.50 -14.86 -1.58
C VAL A 125 27.42 -15.99 -1.15
N ASP A 126 28.74 -15.78 -1.27
CA ASP A 126 29.70 -16.80 -0.84
C ASP A 126 29.53 -17.10 0.65
N LYS A 127 29.48 -16.06 1.48
CA LYS A 127 29.36 -16.27 2.92
C LYS A 127 28.06 -16.96 3.29
N LEU A 128 26.99 -16.70 2.56
CA LEU A 128 25.70 -17.27 2.91
C LEU A 128 25.42 -18.60 2.21
N GLU A 129 26.34 -19.09 1.38
CA GLU A 129 26.05 -20.28 0.58
C GLU A 129 25.73 -21.48 1.46
N ASN A 130 26.51 -21.69 2.53
CA ASN A 130 26.27 -22.83 3.41
C ASN A 130 24.86 -22.79 3.99
N ARG A 131 24.38 -21.59 4.37
CA ARG A 131 23.03 -21.47 4.89
C ARG A 131 21.97 -21.58 3.79
N ILE A 132 22.26 -21.08 2.58
CA ILE A 132 21.36 -21.32 1.45
C ILE A 132 21.25 -22.82 1.19
N GLN A 133 22.38 -23.53 1.33
CA GLN A 133 22.39 -24.98 1.20
C GLN A 133 21.49 -25.64 2.24
N GLU A 134 21.61 -25.22 3.51
CA GLU A 134 20.78 -25.78 4.56
C GLU A 134 19.30 -25.51 4.31
N LEU A 135 19.00 -24.32 3.78
CA LEU A 135 17.61 -23.97 3.49
C LEU A 135 17.04 -24.84 2.37
N ALA A 136 17.81 -25.06 1.30
CA ALA A 136 17.34 -25.92 0.22
C ALA A 136 17.12 -27.34 0.69
N SER A 137 18.07 -27.88 1.45
CA SER A 137 17.95 -29.24 1.99
C SER A 137 16.70 -29.37 2.86
N SER A 138 16.52 -28.44 3.80
CA SER A 138 15.39 -28.50 4.72
C SER A 138 14.07 -28.54 3.97
N LEU A 139 13.93 -27.72 2.92
CA LEU A 139 12.67 -27.67 2.19
C LEU A 139 12.50 -28.91 1.31
N ILE A 140 13.58 -29.40 0.71
CA ILE A 140 13.46 -30.56 -0.16
C ILE A 140 13.23 -31.83 0.66
N GLU A 141 13.97 -31.99 1.76
CA GLU A 141 13.75 -33.14 2.64
C GLU A 141 12.33 -33.15 3.18
N SER A 142 11.72 -31.98 3.33
CA SER A 142 10.34 -31.90 3.80
C SER A 142 9.36 -32.42 2.76
N LEU A 143 9.71 -32.36 1.48
CA LEU A 143 8.86 -32.88 0.42
C LEU A 143 9.24 -34.28 -0.01
N ARG A 144 10.44 -34.74 0.32
CA ARG A 144 10.97 -35.99 -0.22
C ARG A 144 10.08 -37.20 0.05
N PRO A 145 9.60 -37.46 1.27
CA PRO A 145 8.79 -38.67 1.50
C PRO A 145 7.37 -38.59 0.97
N GLN A 146 6.92 -37.43 0.50
CA GLN A 146 5.54 -37.30 0.05
C GLN A 146 5.32 -37.97 -1.31
N GLY A 147 6.35 -38.04 -2.14
CA GLY A 147 6.19 -38.58 -3.48
C GLY A 147 5.41 -37.70 -4.43
N GLN A 148 5.09 -36.48 -4.03
CA GLN A 148 4.33 -35.56 -4.88
C GLN A 148 4.49 -34.15 -4.35
N CYS A 149 4.37 -33.18 -5.26
CA CYS A 149 4.42 -31.77 -4.88
C CYS A 149 4.11 -30.93 -6.11
N ASN A 150 3.61 -29.72 -5.86
CA ASN A 150 3.57 -28.66 -6.87
C ASN A 150 4.84 -27.86 -6.67
N PHE A 151 5.86 -28.14 -7.48
CA PHE A 151 7.18 -27.55 -7.27
C PHE A 151 7.10 -26.03 -7.23
N THR A 152 6.24 -25.45 -8.06
CA THR A 152 6.09 -23.99 -8.07
C THR A 152 5.66 -23.47 -6.70
N GLU A 153 4.58 -24.02 -6.16
CA GLU A 153 4.05 -23.55 -4.88
C GLU A 153 4.84 -24.07 -3.69
N ASP A 154 5.36 -25.30 -3.77
CA ASP A 154 5.93 -25.95 -2.60
C ASP A 154 7.42 -25.75 -2.44
N TYR A 155 8.13 -25.29 -3.47
CA TYR A 155 9.56 -25.01 -3.34
C TYR A 155 9.94 -23.71 -4.02
N ALA A 156 9.52 -23.55 -5.28
CA ALA A 156 9.99 -22.41 -6.07
C ALA A 156 9.63 -21.09 -5.41
N GLU A 157 8.44 -21.01 -4.81
CA GLU A 157 7.98 -19.78 -4.18
C GLU A 157 8.58 -19.60 -2.78
N PRO A 158 8.54 -20.60 -1.88
CA PRO A 158 9.11 -20.38 -0.53
C PRO A 158 10.62 -20.17 -0.52
N PHE A 159 11.35 -20.79 -1.46
CA PHE A 159 12.81 -20.79 -1.37
C PHE A 159 13.41 -19.39 -1.41
N PRO A 160 13.15 -18.56 -2.43
CA PRO A 160 13.79 -17.22 -2.43
C PRO A 160 13.26 -16.29 -1.36
N ILE A 161 11.99 -16.44 -0.97
CA ILE A 161 11.47 -15.65 0.15
C ILE A 161 12.27 -15.94 1.41
N ARG A 162 12.47 -17.23 1.70
CA ARG A 162 13.27 -17.62 2.86
C ARG A 162 14.71 -17.13 2.73
N ILE A 163 15.24 -17.06 1.50
CA ILE A 163 16.59 -16.56 1.30
C ILE A 163 16.67 -15.08 1.65
N PHE A 164 15.64 -14.31 1.29
CA PHE A 164 15.60 -12.91 1.70
C PHE A 164 15.62 -12.78 3.21
N MET A 165 14.91 -13.67 3.90
CA MET A 165 14.88 -13.61 5.35
C MET A 165 16.25 -13.90 5.96
N LEU A 166 17.03 -14.79 5.33
CA LEU A 166 18.41 -15.00 5.77
C LEU A 166 19.23 -13.73 5.57
N LEU A 167 19.15 -13.15 4.37
CA LEU A 167 19.89 -11.92 4.08
C LEU A 167 19.49 -10.81 5.07
N ALA A 168 18.20 -10.65 5.30
CA ALA A 168 17.67 -9.54 6.08
C ALA A 168 17.65 -9.81 7.58
N GLY A 169 18.17 -10.95 8.04
CA GLY A 169 18.16 -11.26 9.45
C GLY A 169 16.77 -11.29 10.06
N LEU A 170 15.80 -11.86 9.35
CA LEU A 170 14.46 -11.91 9.91
C LEU A 170 14.22 -13.25 10.61
N PRO A 171 13.48 -13.24 11.73
CA PRO A 171 13.27 -14.49 12.46
C PRO A 171 12.26 -15.40 11.76
N GLU A 172 12.32 -16.69 12.11
CA GLU A 172 11.53 -17.70 11.41
C GLU A 172 10.05 -17.64 11.76
N GLU A 173 9.66 -17.04 12.89
CA GLU A 173 8.25 -16.95 13.19
C GLU A 173 7.52 -15.93 12.31
N ASP A 174 8.26 -15.12 11.56
CA ASP A 174 7.66 -14.20 10.59
C ASP A 174 7.43 -14.84 9.24
N ILE A 175 7.78 -16.13 9.09
CA ILE A 175 7.67 -16.78 7.79
C ILE A 175 6.25 -16.75 7.24
N PRO A 176 5.22 -17.23 7.96
CA PRO A 176 3.88 -17.24 7.34
C PRO A 176 3.37 -15.86 6.99
N HIS A 177 3.71 -14.84 7.79
CA HIS A 177 3.22 -13.49 7.53
C HIS A 177 3.90 -12.89 6.31
N LEU A 178 5.23 -12.99 6.24
CA LEU A 178 5.95 -12.43 5.10
C LEU A 178 5.63 -13.19 3.82
N LYS A 179 5.44 -14.51 3.92
CA LYS A 179 5.00 -15.28 2.77
C LYS A 179 3.63 -14.84 2.29
N TYR A 180 2.70 -14.60 3.24
CA TYR A 180 1.37 -14.14 2.88
C TYR A 180 1.42 -12.76 2.24
N LEU A 181 2.31 -11.89 2.72
CA LEU A 181 2.37 -10.53 2.20
C LEU A 181 2.97 -10.50 0.80
N THR A 182 4.08 -11.20 0.59
CA THR A 182 4.61 -11.30 -0.78
C THR A 182 3.61 -11.97 -1.71
N ASP A 183 2.75 -12.84 -1.17
CA ASP A 183 1.78 -13.52 -2.01
C ASP A 183 0.69 -12.55 -2.47
N GLN A 184 0.33 -11.58 -1.62
CA GLN A 184 -0.66 -10.59 -2.03
C GLN A 184 -0.11 -9.65 -3.09
N MET A 185 1.20 -9.42 -3.10
CA MET A 185 1.81 -8.51 -4.05
C MET A 185 2.00 -9.16 -5.42
N THR A 186 2.49 -10.39 -5.45
CA THR A 186 2.85 -11.03 -6.72
C THR A 186 1.64 -11.63 -7.42
N ARG A 187 0.76 -12.30 -6.67
CA ARG A 187 -0.40 -12.96 -7.26
C ARG A 187 -1.54 -11.96 -7.38
N PRO A 188 -2.04 -11.68 -8.59
CA PRO A 188 -3.15 -10.72 -8.72
C PRO A 188 -4.46 -11.23 -8.12
N ASP A 189 -4.58 -12.53 -7.90
CA ASP A 189 -5.75 -13.07 -7.23
C ASP A 189 -5.78 -12.62 -5.78
N GLY A 190 -6.98 -12.46 -5.24
CA GLY A 190 -7.13 -11.96 -3.89
C GLY A 190 -7.59 -10.52 -3.85
N SER A 191 -8.56 -10.22 -3.00
CA SER A 191 -9.18 -8.90 -2.94
C SER A 191 -8.31 -7.98 -2.09
N MET A 192 -7.27 -7.44 -2.72
CA MET A 192 -6.39 -6.47 -2.10
C MET A 192 -5.53 -5.84 -3.18
N THR A 193 -5.59 -4.52 -3.32
CA THR A 193 -4.79 -3.85 -4.32
C THR A 193 -3.31 -3.99 -3.99
N PHE A 194 -2.46 -3.77 -5.01
CA PHE A 194 -1.02 -3.91 -4.81
C PHE A 194 -0.51 -2.86 -3.82
N ALA A 195 -1.02 -1.63 -3.92
CA ALA A 195 -0.62 -0.58 -2.98
C ALA A 195 -0.91 -0.99 -1.54
N GLU A 196 -2.10 -1.54 -1.29
CA GLU A 196 -2.43 -2.00 0.06
C GLU A 196 -1.50 -3.12 0.49
N ALA A 197 -1.20 -4.06 -0.41
CA ALA A 197 -0.25 -5.12 -0.08
C ALA A 197 1.16 -4.56 0.07
N LYS A 198 1.54 -3.62 -0.81
CA LYS A 198 2.86 -3.01 -0.72
C LYS A 198 2.99 -2.17 0.55
N GLU A 199 1.97 -1.35 0.85
CA GLU A 199 1.98 -0.62 2.12
C GLU A 199 2.01 -1.56 3.31
N ALA A 200 1.30 -2.70 3.24
CA ALA A 200 1.36 -3.67 4.33
C ALA A 200 2.77 -4.24 4.45
N LEU A 201 3.46 -4.44 3.32
CA LEU A 201 4.85 -4.86 3.38
C LEU A 201 5.70 -3.79 4.04
N TYR A 202 5.53 -2.53 3.63
CA TYR A 202 6.28 -1.43 4.22
C TYR A 202 6.10 -1.39 5.73
N ASP A 203 4.85 -1.42 6.19
CA ASP A 203 4.59 -1.29 7.62
C ASP A 203 5.14 -2.47 8.41
N TYR A 204 5.46 -3.58 7.75
CA TYR A 204 6.20 -4.62 8.45
C TYR A 204 7.68 -4.29 8.53
N LEU A 205 8.20 -3.60 7.51
CA LEU A 205 9.62 -3.26 7.49
C LEU A 205 9.96 -2.03 8.33
N ILE A 206 9.06 -1.04 8.39
CA ILE A 206 9.40 0.23 9.06
C ILE A 206 9.83 0.05 10.51
N PRO A 207 9.11 -0.72 11.35
CA PRO A 207 9.60 -0.91 12.72
C PRO A 207 10.95 -1.58 12.81
N ILE A 208 11.24 -2.53 11.91
CA ILE A 208 12.55 -3.16 11.92
C ILE A 208 13.60 -2.22 11.35
N ILE A 209 13.22 -1.38 10.38
CA ILE A 209 14.15 -0.39 9.83
C ILE A 209 14.52 0.64 10.89
N GLU A 210 13.51 1.27 11.50
CA GLU A 210 13.76 2.27 12.53
C GLU A 210 14.53 1.67 13.71
N GLN A 211 14.29 0.39 14.00
CA GLN A 211 14.98 -0.27 15.11
C GLN A 211 16.45 -0.47 14.80
N ARG A 212 16.75 -1.05 13.65
CA ARG A 212 18.14 -1.36 13.29
C ARG A 212 18.90 -0.15 12.77
N ARG A 213 18.25 1.01 12.68
CA ARG A 213 19.00 2.24 12.38
C ARG A 213 19.77 2.72 13.60
N GLN A 214 19.23 2.54 14.80
CA GLN A 214 19.92 2.93 16.03
C GLN A 214 21.05 1.96 16.35
N LYS A 215 20.70 0.73 16.76
CA LYS A 215 21.69 -0.32 16.98
C LYS A 215 21.64 -1.28 15.80
N PRO A 216 22.51 -1.11 14.81
CA PRO A 216 22.45 -1.97 13.63
C PRO A 216 23.21 -3.28 13.82
N GLY A 217 23.34 -4.03 12.74
CA GLY A 217 24.16 -5.23 12.71
C GLY A 217 24.88 -5.33 11.39
N THR A 218 24.87 -6.52 10.79
CA THR A 218 25.40 -6.70 9.43
C THR A 218 24.44 -7.48 8.55
N ASP A 219 23.18 -7.58 8.95
CA ASP A 219 22.17 -8.13 8.06
C ASP A 219 21.85 -7.13 6.96
N ALA A 220 21.04 -7.58 5.99
CA ALA A 220 20.70 -6.72 4.86
C ALA A 220 19.94 -5.47 5.29
N ILE A 221 18.97 -5.62 6.19
CA ILE A 221 18.20 -4.45 6.61
C ILE A 221 19.09 -3.43 7.31
N SER A 222 20.02 -3.89 8.14
CA SER A 222 20.92 -2.98 8.83
C SER A 222 21.80 -2.22 7.84
N ILE A 223 22.35 -2.93 6.84
CA ILE A 223 23.22 -2.28 5.87
C ILE A 223 22.46 -1.21 5.10
N VAL A 224 21.23 -1.53 4.67
CA VAL A 224 20.42 -0.53 3.98
C VAL A 224 20.05 0.61 4.92
N ALA A 225 19.64 0.30 6.15
CA ALA A 225 19.21 1.34 7.07
C ALA A 225 20.36 2.29 7.42
N ASN A 226 21.60 1.82 7.37
CA ASN A 226 22.76 2.61 7.70
C ASN A 226 23.47 3.16 6.46
N GLY A 227 22.87 3.01 5.28
CA GLY A 227 23.48 3.51 4.07
C GLY A 227 23.50 5.03 4.03
N GLN A 228 24.29 5.56 3.10
CA GLN A 228 24.42 6.99 2.89
C GLN A 228 24.10 7.32 1.44
N VAL A 229 23.32 8.39 1.24
CA VAL A 229 22.98 8.87 -0.10
C VAL A 229 23.19 10.38 -0.11
N ASN A 230 24.03 10.86 -1.03
CA ASN A 230 24.29 12.29 -1.19
C ASN A 230 24.84 12.90 0.10
N GLY A 231 25.77 12.19 0.75
CA GLY A 231 26.42 12.68 1.94
C GLY A 231 25.58 12.69 3.19
N ARG A 232 24.36 12.20 3.15
CA ARG A 232 23.48 12.20 4.30
C ARG A 232 22.86 10.82 4.47
N PRO A 233 22.41 10.47 5.68
CA PRO A 233 21.82 9.15 5.91
C PRO A 233 20.66 8.89 4.98
N ILE A 234 20.51 7.61 4.60
CA ILE A 234 19.38 7.20 3.78
C ILE A 234 18.10 7.40 4.58
N THR A 235 17.07 7.94 3.93
CA THR A 235 15.83 8.20 4.64
C THR A 235 15.09 6.88 4.90
N SER A 236 14.07 6.95 5.75
CA SER A 236 13.24 5.78 6.02
C SER A 236 12.43 5.39 4.79
N ASP A 237 12.04 6.36 3.97
CA ASP A 237 11.32 6.05 2.74
C ASP A 237 12.23 5.33 1.75
N GLU A 238 13.44 5.85 1.55
CA GLU A 238 14.38 5.19 0.65
C GLU A 238 14.73 3.79 1.14
N ALA A 239 14.84 3.62 2.46
CA ALA A 239 15.27 2.33 3.00
C ALA A 239 14.20 1.26 2.82
N LYS A 240 12.94 1.61 3.08
CA LYS A 240 11.86 0.65 2.89
C LYS A 240 11.67 0.29 1.42
N ARG A 241 11.89 1.25 0.52
CA ARG A 241 11.81 0.95 -0.91
C ARG A 241 12.92 0.00 -1.33
N MET A 242 14.12 0.19 -0.79
CA MET A 242 15.23 -0.70 -1.10
C MET A 242 14.94 -2.12 -0.64
N CYS A 243 14.45 -2.27 0.60
CA CYS A 243 14.13 -3.59 1.12
C CYS A 243 13.00 -4.24 0.33
N GLY A 244 11.96 -3.47 0.01
CA GLY A 244 10.89 -4.01 -0.82
C GLY A 244 11.38 -4.46 -2.18
N LEU A 245 12.23 -3.64 -2.81
CA LEU A 245 12.80 -4.02 -4.09
C LEU A 245 13.64 -5.30 -3.97
N LEU A 246 14.45 -5.41 -2.92
CA LEU A 246 15.29 -6.59 -2.75
C LEU A 246 14.48 -7.85 -2.47
N LEU A 247 13.28 -7.72 -1.89
CA LEU A 247 12.45 -8.87 -1.60
C LEU A 247 11.59 -9.27 -2.80
N VAL A 248 10.92 -8.32 -3.44
CA VAL A 248 9.99 -8.65 -4.52
C VAL A 248 10.57 -8.42 -5.89
N GLY A 249 11.74 -7.80 -6.00
CA GLY A 249 12.38 -7.59 -7.28
C GLY A 249 12.64 -8.89 -8.00
N GLY A 250 13.43 -9.78 -7.40
CA GLY A 250 13.80 -11.04 -8.02
C GLY A 250 12.79 -12.15 -7.95
N LEU A 251 11.68 -11.94 -7.25
CA LEU A 251 10.85 -13.06 -6.82
C LEU A 251 10.25 -13.82 -7.99
N ASP A 252 9.64 -13.10 -8.94
CA ASP A 252 8.90 -13.74 -10.03
CA ASP A 252 8.90 -13.77 -10.00
C ASP A 252 9.83 -14.51 -10.96
N THR A 253 10.95 -13.90 -11.35
CA THR A 253 11.83 -14.54 -12.31
C THR A 253 12.51 -15.77 -11.72
N VAL A 254 12.94 -15.69 -10.46
CA VAL A 254 13.53 -16.85 -9.79
C VAL A 254 12.53 -17.99 -9.72
N VAL A 255 11.32 -17.69 -9.25
CA VAL A 255 10.26 -18.70 -9.16
C VAL A 255 10.05 -19.35 -10.52
N ASN A 256 9.88 -18.54 -11.56
CA ASN A 256 9.51 -19.09 -12.85
C ASN A 256 10.68 -19.81 -13.51
N PHE A 257 11.90 -19.28 -13.36
CA PHE A 257 13.03 -19.94 -13.99
C PHE A 257 13.31 -21.30 -13.38
N LEU A 258 13.23 -21.40 -12.05
CA LEU A 258 13.38 -22.71 -11.41
C LEU A 258 12.35 -23.69 -11.95
N SER A 259 11.11 -23.22 -12.13
CA SER A 259 10.07 -24.09 -12.66
C SER A 259 10.36 -24.49 -14.10
N PHE A 260 10.86 -23.55 -14.92
CA PHE A 260 11.29 -23.92 -16.27
C PHE A 260 12.38 -24.98 -16.22
N SER A 261 13.37 -24.80 -15.36
CA SER A 261 14.47 -25.75 -15.29
C SER A 261 14.02 -27.11 -14.80
N MET A 262 13.21 -27.15 -13.74
CA MET A 262 12.76 -28.41 -13.18
C MET A 262 11.76 -29.11 -14.10
N GLU A 263 10.95 -28.35 -14.82
CA GLU A 263 10.08 -28.97 -15.82
C GLU A 263 10.92 -29.73 -16.84
N PHE A 264 12.02 -29.12 -17.32
CA PHE A 264 12.87 -29.80 -18.30
C PHE A 264 13.56 -31.02 -17.71
N LEU A 265 14.07 -30.90 -16.48
CA LEU A 265 14.76 -32.05 -15.89
C LEU A 265 13.80 -33.19 -15.58
N ALA A 266 12.54 -32.87 -15.27
CA ALA A 266 11.55 -33.91 -15.03
C ALA A 266 11.28 -34.74 -16.27
N LYS A 267 11.44 -34.16 -17.45
CA LYS A 267 11.21 -34.86 -18.71
C LYS A 267 12.51 -35.37 -19.35
N SER A 268 13.65 -35.20 -18.68
CA SER A 268 14.95 -35.48 -19.29
C SER A 268 15.78 -36.36 -18.37
N PRO A 269 15.44 -37.65 -18.26
CA PRO A 269 16.20 -38.53 -17.36
C PRO A 269 17.69 -38.57 -17.68
N GLU A 270 18.07 -38.55 -18.96
CA GLU A 270 19.49 -38.59 -19.31
C GLU A 270 20.24 -37.34 -18.85
N HIS A 271 19.59 -36.18 -18.86
CA HIS A 271 20.24 -34.98 -18.32
C HIS A 271 20.34 -35.05 -16.80
N ARG A 272 19.37 -35.67 -16.13
CA ARG A 272 19.49 -35.83 -14.68
C ARG A 272 20.64 -36.75 -14.33
N GLN A 273 20.72 -37.91 -14.99
CA GLN A 273 21.80 -38.85 -14.70
C GLN A 273 23.16 -38.24 -14.98
N GLU A 274 23.27 -37.40 -16.03
CA GLU A 274 24.53 -36.73 -16.30
C GLU A 274 24.98 -35.89 -15.11
N LEU A 275 24.05 -35.18 -14.46
CA LEU A 275 24.41 -34.36 -13.31
C LEU A 275 24.57 -35.19 -12.03
N ILE A 276 23.80 -36.28 -11.89
CA ILE A 276 23.96 -37.15 -10.73
C ILE A 276 25.34 -37.80 -10.74
N GLU A 277 25.74 -38.31 -11.91
CA GLU A 277 27.04 -38.99 -12.00
C GLU A 277 28.19 -38.00 -11.91
N ARG A 278 28.02 -36.79 -12.47
CA ARG A 278 29.09 -35.80 -12.51
C ARG A 278 28.58 -34.46 -11.97
N PRO A 279 28.36 -34.37 -10.66
CA PRO A 279 27.82 -33.12 -10.09
C PRO A 279 28.69 -31.90 -10.33
N GLU A 280 29.97 -32.09 -10.66
CA GLU A 280 30.84 -30.95 -10.97
C GLU A 280 30.38 -30.18 -12.19
N ARG A 281 29.43 -30.70 -12.97
CA ARG A 281 28.94 -30.03 -14.16
C ARG A 281 27.68 -29.22 -13.91
N ILE A 282 27.19 -29.20 -12.67
CA ILE A 282 25.97 -28.45 -12.37
C ILE A 282 26.16 -26.96 -12.60
N PRO A 283 27.27 -26.31 -12.22
CA PRO A 283 27.44 -24.89 -12.59
C PRO A 283 27.38 -24.63 -14.08
N ALA A 284 28.04 -25.44 -14.90
CA ALA A 284 27.94 -25.30 -16.35
C ALA A 284 26.52 -25.57 -16.83
N ALA A 285 25.88 -26.60 -16.26
CA ALA A 285 24.52 -26.94 -16.66
C ALA A 285 23.54 -25.82 -16.32
N SER A 286 23.75 -25.17 -15.17
CA SER A 286 22.88 -24.05 -14.79
C SER A 286 23.00 -22.92 -15.79
N GLU A 287 24.21 -22.64 -16.28
CA GLU A 287 24.38 -21.61 -17.29
C GLU A 287 23.71 -21.99 -18.61
N GLU A 288 23.72 -23.29 -18.95
CA GLU A 288 23.03 -23.73 -20.16
C GLU A 288 21.52 -23.71 -20.01
N LEU A 289 21.02 -23.94 -18.79
CA LEU A 289 19.59 -23.78 -18.55
C LEU A 289 19.19 -22.32 -18.54
N LEU A 290 20.07 -21.45 -18.06
CA LEU A 290 19.81 -20.02 -18.09
C LEU A 290 19.74 -19.50 -19.53
N ARG A 291 20.56 -20.07 -20.42
CA ARG A 291 20.45 -19.73 -21.84
C ARG A 291 19.16 -20.26 -22.43
N ARG A 292 18.90 -21.56 -22.25
CA ARG A 292 17.82 -22.23 -22.96
C ARG A 292 16.44 -21.81 -22.44
N PHE A 293 16.32 -21.56 -21.14
CA PHE A 293 15.03 -21.19 -20.55
C PHE A 293 15.02 -19.75 -20.05
N SER A 294 15.76 -18.88 -20.74
CA SER A 294 15.70 -17.45 -20.50
C SER A 294 14.25 -16.96 -20.60
N LEU A 295 13.90 -15.97 -19.78
CA LEU A 295 12.49 -15.68 -19.58
C LEU A 295 12.12 -14.20 -19.49
N VAL A 296 13.07 -13.29 -19.56
CA VAL A 296 12.76 -11.85 -19.49
C VAL A 296 12.75 -11.26 -20.89
N ALA A 297 11.75 -10.43 -21.16
CA ALA A 297 11.61 -9.77 -22.46
C ALA A 297 11.15 -8.34 -22.19
N ASP A 298 12.12 -7.46 -21.98
CA ASP A 298 11.85 -6.05 -21.74
C ASP A 298 12.49 -5.22 -22.85
N GLY A 299 12.38 -3.91 -22.72
CA GLY A 299 12.94 -3.05 -23.74
C GLY A 299 13.15 -1.63 -23.25
N ARG A 300 13.40 -0.75 -24.22
CA ARG A 300 13.73 0.64 -23.97
C ARG A 300 12.90 1.54 -24.87
N ILE A 301 13.21 2.83 -24.88
CA ILE A 301 12.54 3.77 -25.75
C ILE A 301 13.60 4.66 -26.40
N LEU A 302 13.32 5.10 -27.62
CA LEU A 302 14.26 5.94 -28.34
C LEU A 302 14.28 7.34 -27.74
N THR A 303 15.48 7.89 -27.53
CA THR A 303 15.67 9.24 -27.05
C THR A 303 16.06 10.22 -28.14
N SER A 304 16.21 9.73 -29.37
CA SER A 304 16.48 10.56 -30.54
C SER A 304 16.34 9.68 -31.77
N ASP A 305 16.06 10.31 -32.91
CA ASP A 305 16.00 9.57 -34.16
C ASP A 305 17.34 8.88 -34.41
N TYR A 306 17.27 7.67 -34.97
CA TYR A 306 18.48 6.89 -35.17
C TYR A 306 18.21 5.82 -36.21
N GLU A 307 19.15 5.63 -37.12
CA GLU A 307 19.09 4.57 -38.12
C GLU A 307 19.85 3.36 -37.59
N PHE A 308 19.11 2.34 -37.16
CA PHE A 308 19.66 1.19 -36.46
C PHE A 308 19.59 -0.01 -37.40
N HIS A 309 20.77 -0.50 -37.82
CA HIS A 309 20.86 -1.63 -38.75
C HIS A 309 19.96 -1.44 -39.95
N GLY A 310 20.05 -0.25 -40.55
CA GLY A 310 19.31 0.06 -41.76
C GLY A 310 17.83 0.32 -41.58
N VAL A 311 17.38 0.54 -40.35
CA VAL A 311 15.97 0.81 -40.06
C VAL A 311 15.87 2.18 -39.40
N GLN A 312 14.95 3.00 -39.89
CA GLN A 312 14.75 4.34 -39.34
C GLN A 312 13.91 4.23 -38.07
N LEU A 313 14.51 4.55 -36.93
CA LEU A 313 13.80 4.64 -35.67
C LEU A 313 13.60 6.11 -35.34
N LYS A 314 12.44 6.42 -34.75
CA LYS A 314 12.12 7.80 -34.37
C LYS A 314 12.13 7.94 -32.85
N LYS A 315 12.43 9.16 -32.40
CA LYS A 315 12.35 9.46 -30.98
C LYS A 315 10.95 9.15 -30.45
N GLY A 316 10.88 8.51 -29.29
CA GLY A 316 9.61 8.11 -28.73
C GLY A 316 9.14 6.72 -29.12
N ASP A 317 9.74 6.10 -30.14
CA ASP A 317 9.41 4.72 -30.48
C ASP A 317 9.78 3.78 -29.33
N GLN A 318 8.84 2.92 -28.94
CA GLN A 318 9.16 1.85 -28.02
C GLN A 318 9.83 0.71 -28.78
N ILE A 319 10.90 0.15 -28.20
CA ILE A 319 11.62 -0.95 -28.84
C ILE A 319 11.84 -2.06 -27.82
N LEU A 320 11.21 -3.21 -28.07
CA LEU A 320 11.41 -4.38 -27.22
C LEU A 320 12.75 -5.02 -27.57
N LEU A 321 13.56 -5.28 -26.54
CA LEU A 321 14.88 -5.86 -26.70
C LEU A 321 14.91 -7.12 -25.84
N PRO A 322 14.27 -8.19 -26.28
CA PRO A 322 14.04 -9.35 -25.39
C PRO A 322 15.34 -10.00 -24.95
N GLN A 323 15.64 -9.91 -23.66
CA GLN A 323 16.84 -10.56 -23.13
C GLN A 323 16.87 -12.05 -23.46
N MET A 324 15.70 -12.70 -23.49
CA MET A 324 15.66 -14.14 -23.70
C MET A 324 16.06 -14.56 -25.11
N LEU A 325 15.94 -13.67 -26.11
CA LEU A 325 16.19 -14.09 -27.49
C LEU A 325 17.66 -14.17 -27.85
N SER A 326 18.54 -13.47 -27.12
CA SER A 326 19.96 -13.49 -27.45
C SER A 326 20.53 -14.90 -27.40
N GLY A 327 20.18 -15.67 -26.38
CA GLY A 327 20.70 -17.02 -26.25
C GLY A 327 20.04 -18.05 -27.14
N LEU A 328 18.84 -17.76 -27.62
CA LEU A 328 18.13 -18.66 -28.53
C LEU A 328 18.48 -18.42 -29.99
N ASP A 329 19.27 -17.38 -30.26
CA ASP A 329 19.66 -17.03 -31.61
C ASP A 329 20.65 -18.06 -32.16
N GLU A 330 20.29 -18.71 -33.27
CA GLU A 330 21.17 -19.70 -33.86
C GLU A 330 22.48 -19.11 -34.36
N ARG A 331 22.52 -17.80 -34.60
CA ARG A 331 23.78 -17.15 -34.95
C ARG A 331 24.72 -17.03 -33.76
N GLU A 332 24.20 -17.15 -32.54
CA GLU A 332 24.98 -17.11 -31.31
C GLU A 332 25.29 -18.49 -30.76
N ASN A 333 24.30 -19.38 -30.76
CA ASN A 333 24.46 -20.75 -30.29
C ASN A 333 23.83 -21.71 -31.28
N ALA A 334 24.65 -22.52 -31.94
CA ALA A 334 24.14 -23.50 -32.89
C ALA A 334 23.18 -24.47 -32.20
N ALA A 335 22.18 -24.91 -32.96
CA ALA A 335 21.12 -25.77 -32.45
C ALA A 335 20.57 -25.23 -31.13
N PRO A 336 20.00 -24.02 -31.13
CA PRO A 336 19.73 -23.31 -29.86
C PRO A 336 18.73 -23.99 -28.96
N MET A 337 17.83 -24.81 -29.48
CA MET A 337 16.87 -25.50 -28.64
C MET A 337 17.44 -26.76 -28.01
N HIS A 338 18.62 -27.21 -28.44
CA HIS A 338 19.29 -28.33 -27.80
C HIS A 338 19.87 -27.89 -26.47
N VAL A 339 19.63 -28.69 -25.43
CA VAL A 339 20.20 -28.47 -24.11
C VAL A 339 21.46 -29.34 -24.01
N ASP A 340 22.62 -28.71 -24.09
CA ASP A 340 23.90 -29.41 -24.08
C ASP A 340 24.71 -28.89 -22.89
N PHE A 341 24.77 -29.69 -21.81
CA PHE A 341 25.51 -29.24 -20.63
C PHE A 341 27.00 -29.07 -20.93
N SER A 342 27.50 -29.68 -22.00
CA SER A 342 28.88 -29.50 -22.44
C SER A 342 29.02 -28.46 -23.54
N ARG A 343 27.98 -27.64 -23.75
CA ARG A 343 28.03 -26.60 -24.78
C ARG A 343 29.26 -25.73 -24.60
N GLN A 344 29.99 -25.53 -25.71
CA GLN A 344 31.34 -24.98 -25.63
C GLN A 344 31.32 -23.52 -25.18
N CYS A 345 30.69 -22.65 -25.95
CA CYS A 345 30.69 -21.21 -25.69
C CYS A 345 29.25 -20.76 -25.45
N VAL A 346 28.79 -20.89 -24.21
CA VAL A 346 27.44 -20.49 -23.88
C VAL A 346 27.33 -18.97 -23.95
N SER A 347 26.45 -18.48 -24.81
CA SER A 347 26.22 -17.05 -25.01
C SER A 347 24.76 -16.75 -24.72
N HIS A 348 24.52 -15.77 -23.85
CA HIS A 348 23.17 -15.33 -23.55
C HIS A 348 23.21 -13.94 -22.96
N THR A 349 22.03 -13.33 -22.85
CA THR A 349 21.84 -12.09 -22.10
C THR A 349 20.68 -12.28 -21.13
N THR A 350 20.66 -13.42 -20.43
CA THR A 350 19.51 -13.79 -19.61
C THR A 350 19.33 -12.85 -18.43
N PHE A 351 20.42 -12.34 -17.88
CA PHE A 351 20.31 -11.33 -16.82
C PHE A 351 20.34 -9.92 -17.38
N GLY A 352 20.32 -9.78 -18.69
CA GLY A 352 20.36 -8.47 -19.31
C GLY A 352 21.74 -8.15 -19.83
N HIS A 353 21.89 -6.89 -20.21
CA HIS A 353 23.12 -6.44 -20.85
C HIS A 353 23.26 -4.94 -20.64
N GLY A 354 24.47 -4.49 -20.38
CA GLY A 354 24.74 -3.08 -20.16
C GLY A 354 24.71 -2.68 -18.70
N SER A 355 24.50 -1.38 -18.47
CA SER A 355 24.71 -0.81 -17.14
C SER A 355 23.67 -1.26 -16.12
N HIS A 356 22.51 -1.78 -16.55
CA HIS A 356 21.46 -2.19 -15.62
C HIS A 356 21.35 -3.71 -15.49
N LEU A 357 22.37 -4.46 -15.90
CA LEU A 357 22.35 -5.91 -15.75
C LEU A 357 21.99 -6.30 -14.32
N CYS A 358 21.19 -7.36 -14.20
CA CYS A 358 20.60 -7.79 -12.94
C CYS A 358 21.59 -7.72 -11.80
N LEU A 359 21.29 -6.90 -10.79
CA LEU A 359 22.18 -6.84 -9.63
C LEU A 359 22.06 -8.08 -8.74
N GLY A 360 21.06 -8.92 -8.98
CA GLY A 360 20.96 -10.17 -8.24
C GLY A 360 21.51 -11.38 -8.97
N GLN A 361 22.34 -11.15 -10.00
CA GLN A 361 22.80 -12.26 -10.84
C GLN A 361 23.58 -13.30 -10.05
N HIS A 362 24.42 -12.85 -9.10
CA HIS A 362 25.21 -13.80 -8.35
C HIS A 362 24.35 -14.60 -7.38
N LEU A 363 23.44 -13.93 -6.66
CA LEU A 363 22.51 -14.65 -5.80
C LEU A 363 21.65 -15.61 -6.61
N ALA A 364 21.20 -15.20 -7.79
CA ALA A 364 20.33 -16.05 -8.60
C ALA A 364 21.06 -17.31 -9.05
N ARG A 365 22.29 -17.17 -9.54
CA ARG A 365 23.03 -18.34 -10.00
C ARG A 365 23.29 -19.32 -8.85
N ARG A 366 23.57 -18.79 -7.65
CA ARG A 366 23.81 -19.67 -6.52
C ARG A 366 22.55 -20.40 -6.10
N GLU A 367 21.39 -19.73 -6.19
CA GLU A 367 20.14 -20.39 -5.85
C GLU A 367 19.83 -21.52 -6.83
N ILE A 368 20.15 -21.34 -8.11
CA ILE A 368 19.90 -22.40 -9.08
C ILE A 368 20.84 -23.57 -8.86
N ILE A 369 22.13 -23.30 -8.65
CA ILE A 369 23.12 -24.36 -8.50
C ILE A 369 22.87 -25.16 -7.24
N VAL A 370 22.51 -24.49 -6.15
CA VAL A 370 22.21 -25.21 -4.91
C VAL A 370 20.91 -25.99 -5.04
N THR A 371 19.92 -25.44 -5.74
CA THR A 371 18.65 -26.14 -5.93
C THR A 371 18.85 -27.46 -6.69
N LEU A 372 19.54 -27.41 -7.82
CA LEU A 372 19.77 -28.62 -8.60
C LEU A 372 20.63 -29.61 -7.82
N LYS A 373 21.67 -29.11 -7.15
CA LYS A 373 22.53 -29.99 -6.36
C LYS A 373 21.73 -30.72 -5.29
N GLU A 374 20.99 -29.97 -4.47
CA GLU A 374 20.31 -30.57 -3.33
C GLU A 374 19.07 -31.37 -3.72
N TRP A 375 18.45 -31.06 -4.85
CA TRP A 375 17.28 -31.84 -5.26
C TRP A 375 17.69 -33.18 -5.84
N LEU A 376 18.66 -33.18 -6.74
CA LEU A 376 19.05 -34.41 -7.42
C LEU A 376 19.71 -35.39 -6.46
N THR A 377 20.32 -34.88 -5.39
CA THR A 377 20.89 -35.76 -4.38
C THR A 377 19.81 -36.52 -3.61
N ARG A 378 18.67 -35.87 -3.36
CA ARG A 378 17.61 -36.48 -2.57
C ARG A 378 16.51 -37.10 -3.42
N ILE A 379 16.13 -36.46 -4.52
CA ILE A 379 15.11 -37.00 -5.41
C ILE A 379 15.73 -37.14 -6.79
N PRO A 380 16.61 -38.13 -7.01
CA PRO A 380 17.33 -38.19 -8.28
C PRO A 380 16.45 -38.49 -9.47
N ASP A 381 15.28 -39.07 -9.27
CA ASP A 381 14.40 -39.44 -10.37
C ASP A 381 12.98 -39.01 -10.07
N PHE A 382 12.39 -38.28 -11.01
CA PHE A 382 11.05 -37.74 -10.87
C PHE A 382 10.52 -37.45 -12.26
N SER A 383 9.23 -37.14 -12.34
CA SER A 383 8.63 -36.85 -13.63
C SER A 383 7.36 -36.05 -13.42
N ILE A 384 6.82 -35.53 -14.52
CA ILE A 384 5.56 -34.81 -14.47
C ILE A 384 4.45 -35.75 -14.03
N ALA A 385 3.51 -35.23 -13.25
CA ALA A 385 2.34 -36.01 -12.89
C ALA A 385 1.61 -36.44 -14.16
N PRO A 386 1.19 -37.71 -14.27
CA PRO A 386 0.51 -38.15 -15.49
C PRO A 386 -0.80 -37.41 -15.69
N GLY A 387 -1.14 -37.18 -16.96
CA GLY A 387 -2.35 -36.46 -17.28
C GLY A 387 -2.36 -35.00 -16.86
N ALA A 388 -1.19 -34.41 -16.67
CA ALA A 388 -1.07 -33.00 -16.30
C ALA A 388 -0.80 -32.16 -17.54
N GLN A 389 -1.32 -30.93 -17.52
CA GLN A 389 -1.20 -29.99 -18.63
C GLN A 389 -0.39 -28.79 -18.13
N ILE A 390 0.92 -28.80 -18.38
CA ILE A 390 1.77 -27.68 -18.00
C ILE A 390 1.46 -26.52 -18.93
N GLN A 391 1.07 -25.38 -18.35
CA GLN A 391 0.73 -24.19 -19.12
C GLN A 391 1.77 -23.11 -18.86
N HIS A 392 2.32 -22.54 -19.93
CA HIS A 392 3.22 -21.41 -19.85
C HIS A 392 2.45 -20.10 -20.05
N LYS A 393 3.03 -19.03 -19.52
CA LYS A 393 2.50 -17.69 -19.66
C LYS A 393 3.59 -16.80 -20.23
N SER A 394 3.22 -15.86 -21.08
CA SER A 394 4.16 -14.97 -21.72
C SER A 394 3.92 -13.53 -21.30
N GLY A 395 5.02 -12.78 -21.21
CA GLY A 395 4.95 -11.38 -20.85
C GLY A 395 6.35 -10.81 -20.74
N ILE A 396 6.47 -9.72 -19.99
CA ILE A 396 7.80 -9.19 -19.68
C ILE A 396 8.61 -10.21 -18.90
N VAL A 397 7.97 -10.89 -17.95
CA VAL A 397 8.54 -12.07 -17.29
C VAL A 397 7.61 -13.23 -17.61
N SER A 398 8.09 -14.17 -18.42
CA SER A 398 7.31 -15.35 -18.72
C SER A 398 7.44 -16.36 -17.58
N GLY A 399 6.50 -17.29 -17.52
CA GLY A 399 6.49 -18.19 -16.39
C GLY A 399 5.69 -19.46 -16.59
N VAL A 400 5.71 -20.29 -15.54
CA VAL A 400 5.02 -21.58 -15.50
C VAL A 400 3.89 -21.46 -14.50
N GLN A 401 2.67 -21.82 -14.93
CA GLN A 401 1.51 -21.69 -14.06
C GLN A 401 1.62 -22.64 -12.86
N ALA A 402 1.93 -23.90 -13.11
CA ALA A 402 2.09 -24.88 -12.04
C ALA A 402 2.94 -26.04 -12.54
N LEU A 403 3.67 -26.66 -11.63
CA LEU A 403 4.53 -27.80 -11.95
C LEU A 403 4.25 -28.94 -10.97
N PRO A 404 3.28 -29.79 -11.27
CA PRO A 404 3.02 -30.98 -10.43
C PRO A 404 4.03 -32.07 -10.74
N LEU A 405 4.81 -32.45 -9.74
CA LEU A 405 5.83 -33.49 -9.87
C LEU A 405 5.47 -34.68 -9.00
N VAL A 406 5.87 -35.87 -9.44
CA VAL A 406 5.65 -37.10 -8.68
C VAL A 406 6.91 -37.95 -8.76
N TRP A 407 7.12 -38.76 -7.72
CA TRP A 407 8.24 -39.69 -7.67
C TRP A 407 7.89 -40.83 -6.73
N ASP A 408 8.71 -41.88 -6.77
CA ASP A 408 8.56 -42.99 -5.84
C ASP A 408 9.44 -42.75 -4.62
N PRO A 409 8.86 -42.61 -3.42
CA PRO A 409 9.68 -42.29 -2.25
C PRO A 409 10.79 -43.29 -1.96
N ALA A 410 10.63 -44.55 -2.38
CA ALA A 410 11.67 -45.55 -2.14
C ALA A 410 12.91 -45.31 -2.99
N THR A 411 12.81 -44.54 -4.07
CA THR A 411 13.96 -44.20 -4.88
C THR A 411 14.72 -42.99 -4.33
N THR A 412 14.20 -42.32 -3.31
CA THR A 412 14.82 -41.14 -2.75
C THR A 412 15.81 -41.52 -1.64
N LYS A 413 16.76 -40.63 -1.40
CA LYS A 413 17.82 -40.86 -0.42
C LYS A 413 17.91 -39.66 0.51
N ALA A 414 17.63 -39.90 1.80
CA ALA A 414 17.78 -38.84 2.80
C ALA A 414 19.25 -38.51 3.01
N VAL A 415 19.58 -37.23 2.88
CA VAL A 415 20.94 -36.77 3.13
C VAL A 415 20.89 -35.59 4.10
N ASN B 11 4.30 2.71 32.98
CA ASN B 11 3.70 2.99 34.28
C ASN B 11 2.31 2.34 34.37
N LEU B 12 2.25 1.14 34.93
CA LEU B 12 1.02 0.38 35.02
C LEU B 12 0.39 0.55 36.40
N ALA B 13 -0.85 0.07 36.50
CA ALA B 13 -1.66 0.17 37.71
C ALA B 13 -1.95 -1.23 38.25
N PRO B 14 -2.03 -1.39 39.57
CA PRO B 14 -2.28 -2.72 40.14
C PRO B 14 -3.62 -3.26 39.70
N LEU B 15 -3.62 -4.51 39.25
CA LEU B 15 -4.83 -5.19 38.81
C LEU B 15 -5.86 -5.27 39.93
N PRO B 16 -7.07 -4.76 39.75
CA PRO B 16 -8.13 -4.92 40.75
C PRO B 16 -8.45 -6.38 41.01
N PRO B 17 -8.96 -6.70 42.21
CA PRO B 17 -9.11 -8.12 42.56
C PRO B 17 -10.14 -8.86 41.72
N HIS B 18 -11.23 -8.20 41.32
CA HIS B 18 -12.30 -8.87 40.60
C HIS B 18 -11.93 -9.20 39.16
N VAL B 19 -10.86 -8.64 38.63
CA VAL B 19 -10.48 -8.83 37.23
C VAL B 19 -9.63 -10.09 37.13
N PRO B 20 -10.11 -11.13 36.45
CA PRO B 20 -9.26 -12.32 36.27
C PRO B 20 -8.00 -11.99 35.49
N GLU B 21 -6.94 -12.76 35.78
CA GLU B 21 -5.63 -12.45 35.23
C GLU B 21 -5.55 -12.74 33.73
N HIS B 22 -6.27 -13.76 33.25
CA HIS B 22 -6.18 -14.13 31.83
C HIS B 22 -6.78 -13.08 30.91
N LEU B 23 -7.56 -12.13 31.42
CA LEU B 23 -8.13 -11.08 30.60
C LEU B 23 -7.22 -9.86 30.47
N VAL B 24 -6.07 -9.86 31.15
CA VAL B 24 -5.20 -8.69 31.14
C VAL B 24 -4.55 -8.53 29.77
N PHE B 25 -4.67 -7.33 29.20
CA PHE B 25 -4.00 -6.98 27.95
C PHE B 25 -3.62 -5.51 28.05
N ASP B 26 -2.37 -5.24 28.41
CA ASP B 26 -1.91 -3.88 28.68
C ASP B 26 -1.77 -3.06 27.41
N PHE B 27 -2.86 -2.46 26.96
CA PHE B 27 -2.87 -1.60 25.79
C PHE B 27 -2.87 -0.15 26.24
N ASP B 28 -1.93 0.64 25.71
CA ASP B 28 -1.82 2.07 26.03
C ASP B 28 -2.45 2.83 24.87
N MET B 29 -3.66 3.35 25.10
CA MET B 29 -4.42 3.99 24.03
C MET B 29 -3.76 5.27 23.53
N TYR B 30 -2.91 5.90 24.35
CA TYR B 30 -2.19 7.10 23.93
C TYR B 30 -0.83 6.78 23.32
N ASN B 31 -0.37 5.55 23.45
CA ASN B 31 0.90 5.16 22.85
C ASN B 31 0.90 3.69 22.47
N PRO B 32 0.15 3.26 21.45
CA PRO B 32 0.12 1.82 21.12
C PRO B 32 1.46 1.35 20.57
N SER B 33 1.59 0.03 20.45
CA SER B 33 2.89 -0.58 20.15
C SER B 33 3.40 -0.17 18.76
N ASN B 34 2.67 -0.55 17.72
CA ASN B 34 3.13 -0.31 16.34
C ASN B 34 2.38 0.86 15.73
N LEU B 35 2.52 2.03 16.36
CA LEU B 35 1.88 3.24 15.87
C LEU B 35 2.47 3.69 14.54
N SER B 36 3.77 3.48 14.34
CA SER B 36 4.42 3.91 13.11
C SER B 36 3.85 3.22 11.87
N ALA B 37 3.22 2.05 12.03
CA ALA B 37 2.58 1.37 10.92
C ALA B 37 1.22 1.95 10.57
N GLY B 38 0.67 2.81 11.42
CA GLY B 38 -0.69 3.31 11.23
C GLY B 38 -1.49 3.13 12.50
N VAL B 39 -2.30 4.14 12.84
CA VAL B 39 -2.99 4.09 14.12
C VAL B 39 -4.10 3.05 14.10
N GLN B 40 -4.84 2.95 12.98
CA GLN B 40 -5.87 1.91 12.88
C GLN B 40 -5.26 0.53 13.04
N GLU B 41 -4.15 0.27 12.36
CA GLU B 41 -3.49 -1.03 12.48
C GLU B 41 -3.00 -1.27 13.90
N ALA B 42 -2.48 -0.22 14.55
CA ALA B 42 -1.97 -0.37 15.90
C ALA B 42 -3.07 -0.73 16.89
N TRP B 43 -4.30 -0.28 16.64
CA TRP B 43 -5.43 -0.67 17.48
C TRP B 43 -5.95 -2.06 17.15
N ALA B 44 -5.75 -2.52 15.91
CA ALA B 44 -6.29 -3.81 15.51
C ALA B 44 -5.64 -5.00 16.23
N VAL B 45 -4.51 -4.79 16.91
CA VAL B 45 -3.92 -5.86 17.70
C VAL B 45 -4.88 -6.34 18.78
N LEU B 46 -5.86 -5.51 19.15
CA LEU B 46 -6.86 -5.92 20.12
C LEU B 46 -7.86 -6.91 19.54
N GLN B 47 -7.88 -7.12 18.23
CA GLN B 47 -8.87 -7.96 17.58
C GLN B 47 -8.29 -9.24 17.01
N GLU B 48 -7.04 -9.56 17.32
CA GLU B 48 -6.45 -10.82 16.87
C GLU B 48 -7.17 -12.00 17.52
N SER B 49 -7.06 -13.16 16.87
CA SER B 49 -7.88 -14.32 17.23
C SER B 49 -7.72 -14.73 18.69
N ASN B 50 -6.58 -14.41 19.30
CA ASN B 50 -6.26 -14.86 20.65
C ASN B 50 -6.70 -13.88 21.73
N VAL B 51 -7.27 -12.75 21.36
CA VAL B 51 -7.62 -11.68 22.31
C VAL B 51 -9.11 -11.80 22.64
N PRO B 52 -9.50 -11.77 23.91
CA PRO B 52 -10.91 -11.87 24.26
C PRO B 52 -11.70 -10.67 23.74
N ASP B 53 -13.03 -10.82 23.73
CA ASP B 53 -13.90 -9.73 23.33
C ASP B 53 -13.85 -8.57 24.31
N LEU B 54 -13.44 -8.83 25.56
CA LEU B 54 -13.36 -7.79 26.58
C LEU B 54 -12.07 -8.03 27.37
N VAL B 55 -11.17 -7.04 27.36
CA VAL B 55 -9.90 -7.15 28.05
C VAL B 55 -9.77 -6.03 29.07
N TRP B 56 -8.78 -6.18 29.96
CA TRP B 56 -8.45 -5.16 30.95
C TRP B 56 -7.00 -4.76 30.76
N THR B 57 -6.76 -3.47 30.50
CA THR B 57 -5.42 -2.93 30.40
C THR B 57 -5.06 -2.21 31.70
N ARG B 58 -3.86 -2.50 32.21
CA ARG B 58 -3.38 -1.81 33.40
C ARG B 58 -2.83 -0.42 33.10
N SER B 59 -2.68 -0.07 31.83
CA SER B 59 -2.20 1.25 31.46
C SER B 59 -3.27 2.31 31.73
N ASN B 60 -2.81 3.56 31.88
CA ASN B 60 -3.70 4.72 32.02
C ASN B 60 -4.68 4.56 33.18
N GLY B 61 -4.19 4.03 34.30
CA GLY B 61 -4.99 3.88 35.49
C GLY B 61 -5.76 2.57 35.60
N GLY B 62 -5.90 1.84 34.50
CA GLY B 62 -6.62 0.59 34.53
C GLY B 62 -8.06 0.73 34.11
N HIS B 63 -8.43 0.08 33.00
CA HIS B 63 -9.80 0.21 32.49
C HIS B 63 -10.06 -0.93 31.51
N TRP B 64 -11.35 -1.23 31.34
CA TRP B 64 -11.74 -2.23 30.36
C TRP B 64 -11.64 -1.66 28.95
N ILE B 65 -11.56 -2.57 27.97
CA ILE B 65 -11.61 -2.24 26.56
C ILE B 65 -12.45 -3.28 25.85
N ALA B 66 -13.52 -2.85 25.18
CA ALA B 66 -14.34 -3.74 24.37
C ALA B 66 -13.78 -3.75 22.96
N THR B 67 -13.42 -4.94 22.47
CA THR B 67 -12.66 -5.05 21.24
C THR B 67 -13.50 -5.49 20.05
N ARG B 68 -14.80 -5.68 20.21
CA ARG B 68 -15.64 -6.21 19.14
C ARG B 68 -16.87 -5.33 18.95
N GLY B 69 -17.30 -5.22 17.69
CA GLY B 69 -18.43 -4.35 17.38
C GLY B 69 -19.68 -4.71 18.15
N GLN B 70 -19.95 -6.00 18.30
CA GLN B 70 -21.15 -6.45 19.01
C GLN B 70 -21.21 -5.86 20.42
N LEU B 71 -20.11 -5.96 21.16
CA LEU B 71 -20.10 -5.48 22.54
C LEU B 71 -20.11 -3.96 22.60
N ILE B 72 -19.44 -3.30 21.66
CA ILE B 72 -19.39 -1.84 21.67
C ILE B 72 -20.78 -1.27 21.48
N ARG B 73 -21.55 -1.82 20.53
CA ARG B 73 -22.92 -1.36 20.32
C ARG B 73 -23.81 -1.66 21.52
N GLU B 74 -23.73 -2.89 22.05
CA GLU B 74 -24.57 -3.27 23.18
C GLU B 74 -24.30 -2.39 24.39
N ALA B 75 -23.02 -2.11 24.68
CA ALA B 75 -22.68 -1.25 25.80
C ALA B 75 -23.25 0.15 25.62
N TYR B 76 -23.11 0.73 24.41
CA TYR B 76 -23.62 2.08 24.17
C TYR B 76 -25.15 2.12 24.21
N GLU B 77 -25.81 1.02 23.88
CA GLU B 77 -27.26 0.97 23.99
C GLU B 77 -27.74 0.71 25.41
N ASP B 78 -26.93 0.05 26.24
CA ASP B 78 -27.34 -0.30 27.60
C ASP B 78 -27.39 0.94 28.51
N TYR B 79 -28.53 1.64 28.52
CA TYR B 79 -28.68 2.88 29.26
C TYR B 79 -28.74 2.68 30.77
N ARG B 80 -28.97 1.46 31.23
CA ARG B 80 -29.05 1.20 32.68
C ARG B 80 -27.65 1.17 33.30
N HIS B 81 -26.88 0.13 32.97
CA HIS B 81 -25.63 -0.13 33.68
C HIS B 81 -24.53 0.84 33.27
N PHE B 82 -24.39 1.11 31.98
CA PHE B 82 -23.33 1.98 31.48
C PHE B 82 -23.79 3.43 31.48
N SER B 83 -22.91 4.31 31.95
CA SER B 83 -23.21 5.73 31.97
C SER B 83 -23.35 6.26 30.53
N SER B 84 -23.76 7.52 30.44
CA SER B 84 -23.81 8.21 29.16
C SER B 84 -22.68 9.21 28.99
N GLU B 85 -22.02 9.59 30.07
CA GLU B 85 -20.89 10.52 30.05
C GLU B 85 -19.58 9.74 30.05
N SER B 86 -18.58 10.29 29.37
CA SER B 86 -17.29 9.63 29.27
C SER B 86 -16.43 9.94 30.48
N PRO B 87 -15.84 8.93 31.14
CA PRO B 87 -14.92 9.19 32.25
C PRO B 87 -13.48 9.37 31.79
N PHE B 88 -13.19 9.13 30.51
CA PHE B 88 -11.84 9.28 29.97
C PHE B 88 -11.58 10.75 29.75
N ILE B 89 -10.95 11.38 30.74
CA ILE B 89 -10.64 12.80 30.68
C ILE B 89 -9.46 12.97 29.72
N PRO B 90 -9.64 13.69 28.61
CA PRO B 90 -8.52 13.90 27.69
C PRO B 90 -7.40 14.65 28.38
N ARG B 91 -6.17 14.19 28.17
CA ARG B 91 -5.03 14.70 28.91
C ARG B 91 -4.47 15.98 28.30
N GLU B 92 -5.33 16.77 27.65
CA GLU B 92 -5.00 18.10 27.16
C GLU B 92 -6.17 19.03 27.44
N ALA B 93 -5.86 20.22 27.94
CA ALA B 93 -6.90 21.09 28.52
C ALA B 93 -7.98 21.44 27.51
N GLY B 94 -7.60 21.69 26.25
CA GLY B 94 -8.58 22.10 25.27
C GLY B 94 -9.62 21.04 24.97
N GLU B 95 -9.16 19.80 24.77
CA GLU B 95 -10.06 18.70 24.43
C GLU B 95 -10.92 18.28 25.61
N ALA B 96 -10.39 18.36 26.84
CA ALA B 96 -11.11 17.86 28.00
C ALA B 96 -12.29 18.75 28.38
N TYR B 97 -12.36 19.98 27.87
CA TYR B 97 -13.41 20.90 28.27
C TYR B 97 -14.72 20.53 27.58
N ASP B 98 -15.78 20.39 28.38
CA ASP B 98 -17.12 20.10 27.88
C ASP B 98 -17.95 21.37 28.00
N PHE B 99 -18.24 22.00 26.87
CA PHE B 99 -19.08 23.18 26.86
C PHE B 99 -20.47 22.85 27.40
N ILE B 100 -21.05 23.83 28.10
CA ILE B 100 -22.33 23.70 28.81
C ILE B 100 -22.55 22.32 29.41
N SER B 103 -22.44 17.83 32.31
CA SER B 103 -23.23 17.24 33.39
C SER B 103 -24.63 17.85 33.43
N MET B 104 -25.57 17.28 32.68
CA MET B 104 -26.92 17.79 32.59
C MET B 104 -27.91 16.65 32.51
N ASP B 105 -29.09 16.87 33.10
CA ASP B 105 -30.14 15.86 33.14
C ASP B 105 -30.67 15.58 31.72
N PRO B 106 -31.28 14.41 31.52
CA PRO B 106 -31.82 14.07 30.19
C PRO B 106 -32.81 15.10 29.65
N PRO B 107 -33.61 15.77 30.51
CA PRO B 107 -34.42 16.88 29.98
C PRO B 107 -33.62 17.96 29.26
N GLU B 108 -32.53 18.43 29.84
CA GLU B 108 -31.72 19.42 29.15
C GLU B 108 -30.95 18.82 27.98
N GLN B 109 -30.65 17.52 28.05
CA GLN B 109 -29.89 16.89 26.98
C GLN B 109 -30.68 16.89 25.67
N ARG B 110 -31.95 16.49 25.73
CA ARG B 110 -32.76 16.47 24.52
C ARG B 110 -32.97 17.88 23.96
N GLN B 111 -33.07 18.88 24.83
CA GLN B 111 -33.21 20.26 24.37
C GLN B 111 -31.92 20.77 23.73
N PHE B 112 -30.77 20.32 24.24
CA PHE B 112 -29.50 20.65 23.61
C PHE B 112 -29.40 20.04 22.21
N ARG B 113 -29.76 18.77 22.07
CA ARG B 113 -29.63 18.12 20.77
C ARG B 113 -30.66 18.65 19.77
N ALA B 114 -31.80 19.13 20.26
CA ALA B 114 -32.77 19.75 19.36
C ALA B 114 -32.23 21.06 18.80
N LEU B 115 -31.64 21.89 19.66
CA LEU B 115 -31.12 23.17 19.20
C LEU B 115 -29.93 22.99 18.27
N ALA B 116 -29.04 22.06 18.61
CA ALA B 116 -27.92 21.76 17.72
C ALA B 116 -28.40 21.22 16.38
N ASN B 117 -29.43 20.37 16.39
CA ASN B 117 -29.96 19.85 15.14
C ASN B 117 -30.56 20.96 14.27
N GLN B 118 -31.07 22.03 14.90
CA GLN B 118 -31.52 23.19 14.12
C GLN B 118 -30.37 23.88 13.42
N VAL B 119 -29.15 23.72 13.92
CA VAL B 119 -28.00 24.43 13.38
C VAL B 119 -27.30 23.63 12.29
N VAL B 120 -26.97 22.38 12.57
CA VAL B 120 -26.15 21.57 11.68
C VAL B 120 -26.92 20.34 11.15
N GLY B 121 -28.26 20.39 11.20
CA GLY B 121 -29.06 19.26 10.77
C GLY B 121 -29.14 19.12 9.25
N MET B 122 -29.59 17.95 8.82
CA MET B 122 -29.69 17.66 7.39
C MET B 122 -30.38 18.76 6.58
N PRO B 123 -31.49 19.35 7.02
CA PRO B 123 -32.06 20.47 6.24
C PRO B 123 -31.08 21.61 6.02
N VAL B 124 -30.27 21.95 7.04
CA VAL B 124 -29.35 23.08 6.89
C VAL B 124 -28.20 22.71 5.96
N VAL B 125 -27.70 21.49 6.06
CA VAL B 125 -26.57 21.07 5.24
C VAL B 125 -26.98 21.03 3.76
N ASP B 126 -28.19 20.54 3.47
CA ASP B 126 -28.66 20.49 2.09
C ASP B 126 -28.74 21.88 1.48
N LYS B 127 -29.38 22.83 2.18
CA LYS B 127 -29.45 24.20 1.68
C LYS B 127 -28.08 24.80 1.45
N LEU B 128 -27.07 24.35 2.21
CA LEU B 128 -25.77 25.00 2.22
C LEU B 128 -24.72 24.25 1.39
N GLU B 129 -25.08 23.13 0.77
CA GLU B 129 -24.08 22.31 0.09
C GLU B 129 -23.37 23.09 -1.03
N ASN B 130 -24.11 23.91 -1.78
CA ASN B 130 -23.50 24.64 -2.88
C ASN B 130 -22.44 25.63 -2.36
N ARG B 131 -22.72 26.32 -1.25
CA ARG B 131 -21.71 27.18 -0.67
C ARG B 131 -20.53 26.37 -0.13
N ILE B 132 -20.78 25.16 0.37
CA ILE B 132 -19.69 24.28 0.77
C ILE B 132 -18.85 23.90 -0.44
N GLN B 133 -19.50 23.63 -1.58
CA GLN B 133 -18.78 23.31 -2.80
C GLN B 133 -17.95 24.50 -3.29
N GLU B 134 -18.51 25.70 -3.21
CA GLU B 134 -17.75 26.90 -3.59
C GLU B 134 -16.51 27.07 -2.70
N LEU B 135 -16.66 26.86 -1.40
CA LEU B 135 -15.55 27.04 -0.49
C LEU B 135 -14.43 26.04 -0.77
N ALA B 136 -14.78 24.77 -0.95
CA ALA B 136 -13.76 23.77 -1.28
C ALA B 136 -13.08 24.08 -2.60
N SER B 137 -13.85 24.62 -3.56
CA SER B 137 -13.29 24.94 -4.87
C SER B 137 -12.22 26.03 -4.76
N SER B 138 -12.49 27.08 -3.99
CA SER B 138 -11.53 28.19 -3.90
C SER B 138 -10.28 27.79 -3.13
N LEU B 139 -10.44 26.98 -2.08
CA LEU B 139 -9.27 26.53 -1.32
C LEU B 139 -8.41 25.59 -2.15
N ILE B 140 -9.03 24.72 -2.95
CA ILE B 140 -8.27 23.74 -3.72
C ILE B 140 -7.60 24.41 -4.92
N GLU B 141 -8.36 25.22 -5.66
CA GLU B 141 -7.78 25.90 -6.82
C GLU B 141 -6.65 26.83 -6.41
N SER B 142 -6.68 27.36 -5.19
CA SER B 142 -5.58 28.19 -4.72
C SER B 142 -4.31 27.39 -4.52
N LEU B 143 -4.43 26.11 -4.16
CA LEU B 143 -3.28 25.24 -3.98
C LEU B 143 -2.84 24.57 -5.27
N ARG B 144 -3.74 24.42 -6.23
CA ARG B 144 -3.45 23.68 -7.46
C ARG B 144 -2.18 24.11 -8.19
N PRO B 145 -1.87 25.41 -8.38
CA PRO B 145 -0.62 25.75 -9.07
C PRO B 145 0.62 25.51 -8.25
N GLN B 146 0.51 25.43 -6.91
CA GLN B 146 1.69 25.30 -6.06
C GLN B 146 2.43 24.00 -6.27
N GLY B 147 1.75 22.95 -6.75
CA GLY B 147 2.36 21.65 -6.88
C GLY B 147 2.72 20.96 -5.58
N GLN B 148 2.39 21.57 -4.44
CA GLN B 148 2.71 21.01 -3.14
C GLN B 148 1.86 21.72 -2.09
N CYS B 149 1.70 21.06 -0.94
CA CYS B 149 0.99 21.63 0.20
C CYS B 149 1.07 20.69 1.40
N ASN B 150 0.97 21.26 2.60
CA ASN B 150 0.66 20.47 3.79
C ASN B 150 -0.86 20.45 3.90
N PHE B 151 -1.47 19.37 3.38
CA PHE B 151 -2.93 19.27 3.34
C PHE B 151 -3.56 19.51 4.70
N THR B 152 -2.90 19.07 5.76
CA THR B 152 -3.42 19.27 7.11
C THR B 152 -3.54 20.76 7.42
N GLU B 153 -2.47 21.52 7.16
CA GLU B 153 -2.49 22.95 7.44
C GLU B 153 -3.17 23.76 6.35
N ASP B 154 -3.06 23.34 5.09
CA ASP B 154 -3.50 24.15 3.97
C ASP B 154 -4.92 23.86 3.53
N TYR B 155 -5.50 22.72 3.92
CA TYR B 155 -6.90 22.45 3.59
C TYR B 155 -7.67 21.90 4.78
N ALA B 156 -7.10 20.91 5.48
CA ALA B 156 -7.86 20.20 6.50
C ALA B 156 -8.25 21.13 7.64
N GLU B 157 -7.35 22.01 8.07
CA GLU B 157 -7.64 22.93 9.16
C GLU B 157 -8.56 24.08 8.76
N PRO B 158 -8.28 24.81 7.66
CA PRO B 158 -9.11 25.99 7.37
C PRO B 158 -10.50 25.66 6.85
N PHE B 159 -10.67 24.53 6.16
CA PHE B 159 -11.95 24.23 5.52
C PHE B 159 -13.11 24.17 6.51
N PRO B 160 -13.09 23.37 7.58
CA PRO B 160 -14.23 23.37 8.51
C PRO B 160 -14.39 24.69 9.24
N ILE B 161 -13.31 25.40 9.53
CA ILE B 161 -13.45 26.71 10.18
C ILE B 161 -14.16 27.68 9.26
N ARG B 162 -13.87 27.64 7.96
CA ARG B 162 -14.58 28.51 7.03
C ARG B 162 -16.03 28.08 6.87
N ILE B 163 -16.32 26.78 7.03
CA ILE B 163 -17.71 26.32 6.95
C ILE B 163 -18.50 26.83 8.15
N PHE B 164 -17.92 26.76 9.36
CA PHE B 164 -18.57 27.32 10.53
C PHE B 164 -18.92 28.78 10.30
N MET B 165 -17.99 29.56 9.76
CA MET B 165 -18.26 30.98 9.52
C MET B 165 -19.39 31.16 8.52
N LEU B 166 -19.46 30.29 7.51
CA LEU B 166 -20.63 30.28 6.64
C LEU B 166 -21.89 29.88 7.41
N LEU B 167 -21.79 28.85 8.25
CA LEU B 167 -22.93 28.46 9.07
C LEU B 167 -23.33 29.58 10.03
N ALA B 168 -22.35 30.29 10.58
CA ALA B 168 -22.59 31.32 11.58
C ALA B 168 -22.79 32.69 10.98
N GLY B 169 -22.68 32.84 9.66
CA GLY B 169 -22.85 34.14 9.04
C GLY B 169 -21.83 35.16 9.48
N LEU B 170 -20.56 34.77 9.58
CA LEU B 170 -19.49 35.63 10.03
C LEU B 170 -18.68 36.14 8.84
N PRO B 171 -18.21 37.39 8.88
CA PRO B 171 -17.61 38.00 7.68
C PRO B 171 -16.22 37.47 7.41
N GLU B 172 -15.78 37.68 6.15
CA GLU B 172 -14.47 37.18 5.73
C GLU B 172 -13.34 37.87 6.48
N GLU B 173 -13.56 39.10 6.93
CA GLU B 173 -12.51 39.84 7.63
C GLU B 173 -12.16 39.21 8.97
N ASP B 174 -13.02 38.34 9.50
CA ASP B 174 -12.78 37.70 10.79
C ASP B 174 -12.08 36.36 10.67
N ILE B 175 -11.70 35.94 9.46
CA ILE B 175 -11.06 34.63 9.30
C ILE B 175 -9.73 34.54 10.05
N PRO B 176 -8.77 35.47 9.88
CA PRO B 176 -7.50 35.31 10.61
C PRO B 176 -7.66 35.30 12.11
N HIS B 177 -8.56 36.12 12.65
CA HIS B 177 -8.76 36.15 14.10
C HIS B 177 -9.35 34.83 14.58
N LEU B 178 -10.40 34.35 13.91
CA LEU B 178 -11.03 33.09 14.31
C LEU B 178 -10.09 31.91 14.13
N LYS B 179 -9.26 31.92 13.08
CA LYS B 179 -8.28 30.85 12.92
C LYS B 179 -7.25 30.87 14.04
N TYR B 180 -6.78 32.06 14.43
CA TYR B 180 -5.78 32.13 15.50
C TYR B 180 -6.36 31.61 16.82
N LEU B 181 -7.56 32.03 17.17
CA LEU B 181 -8.17 31.59 18.42
C LEU B 181 -8.37 30.08 18.44
N THR B 182 -8.94 29.51 17.37
CA THR B 182 -9.11 28.05 17.34
C THR B 182 -7.76 27.34 17.35
N ASP B 183 -6.73 27.93 16.72
CA ASP B 183 -5.39 27.36 16.82
C ASP B 183 -4.92 27.28 18.26
N GLN B 184 -5.15 28.34 19.04
CA GLN B 184 -4.73 28.35 20.43
C GLN B 184 -5.59 27.44 21.30
N MET B 185 -6.79 27.09 20.85
CA MET B 185 -7.68 26.22 21.62
C MET B 185 -7.45 24.74 21.32
N THR B 186 -6.93 24.41 20.14
CA THR B 186 -6.79 23.03 19.70
C THR B 186 -5.33 22.56 19.68
N ARG B 187 -4.44 23.28 20.35
CA ARG B 187 -3.06 22.84 20.48
C ARG B 187 -2.64 22.92 21.94
N PRO B 188 -1.69 22.07 22.36
CA PRO B 188 -1.29 22.06 23.76
C PRO B 188 -0.32 23.17 24.13
N ASP B 189 0.53 23.57 23.20
CA ASP B 189 1.62 24.51 23.48
C ASP B 189 1.49 25.75 22.59
N GLY B 190 0.49 26.59 22.89
CA GLY B 190 0.28 27.83 22.20
C GLY B 190 0.76 29.03 22.99
N SER B 191 0.62 30.21 22.38
CA SER B 191 1.00 31.45 23.04
C SER B 191 0.03 31.79 24.17
N MET B 192 -1.25 31.51 23.98
CA MET B 192 -2.25 31.69 25.02
C MET B 192 -2.55 30.36 25.70
N THR B 193 -2.98 30.45 26.95
CA THR B 193 -3.54 29.28 27.60
C THR B 193 -4.93 29.01 27.04
N PHE B 194 -5.41 27.77 27.23
CA PHE B 194 -6.71 27.42 26.70
C PHE B 194 -7.81 28.32 27.26
N ALA B 195 -7.78 28.57 28.58
CA ALA B 195 -8.78 29.43 29.19
C ALA B 195 -8.75 30.83 28.58
N GLU B 196 -7.55 31.36 28.33
CA GLU B 196 -7.42 32.67 27.67
C GLU B 196 -8.03 32.65 26.27
N ALA B 197 -7.70 31.62 25.49
CA ALA B 197 -8.20 31.55 24.12
C ALA B 197 -9.72 31.34 24.09
N LYS B 198 -10.22 30.49 24.99
CA LYS B 198 -11.67 30.29 25.08
C LYS B 198 -12.41 31.57 25.47
N GLU B 199 -11.86 32.33 26.43
CA GLU B 199 -12.49 33.60 26.80
C GLU B 199 -12.48 34.57 25.64
N ALA B 200 -11.38 34.63 24.89
CA ALA B 200 -11.31 35.49 23.72
C ALA B 200 -12.35 35.12 22.68
N LEU B 201 -12.64 33.83 22.54
CA LEU B 201 -13.68 33.40 21.60
C LEU B 201 -15.07 33.79 22.10
N TYR B 202 -15.34 33.60 23.40
CA TYR B 202 -16.60 34.07 23.97
C TYR B 202 -16.75 35.56 23.81
N ASP B 203 -15.66 36.32 23.96
CA ASP B 203 -15.73 37.77 23.82
C ASP B 203 -15.94 38.18 22.37
N TYR B 204 -15.51 37.35 21.41
CA TYR B 204 -15.85 37.62 20.02
C TYR B 204 -17.32 37.33 19.75
N LEU B 205 -17.85 36.28 20.38
CA LEU B 205 -19.21 35.83 20.05
C LEU B 205 -20.28 36.65 20.75
N ILE B 206 -20.02 37.14 21.96
CA ILE B 206 -21.11 37.72 22.75
C ILE B 206 -21.68 39.00 22.15
N PRO B 207 -20.92 39.90 21.51
CA PRO B 207 -21.59 41.05 20.87
C PRO B 207 -22.46 40.63 19.70
N ILE B 208 -22.04 39.60 18.96
CA ILE B 208 -22.85 39.11 17.84
C ILE B 208 -24.09 38.40 18.35
N ILE B 209 -23.95 37.62 19.43
CA ILE B 209 -25.10 36.96 20.03
C ILE B 209 -26.15 37.98 20.44
N GLU B 210 -25.72 39.02 21.15
CA GLU B 210 -26.66 40.08 21.55
C GLU B 210 -27.25 40.78 20.32
N GLN B 211 -26.46 40.94 19.26
CA GLN B 211 -26.96 41.59 18.05
C GLN B 211 -28.06 40.76 17.41
N ARG B 212 -27.75 39.50 17.08
CA ARG B 212 -28.72 38.62 16.43
C ARG B 212 -29.91 38.30 17.33
N ARG B 213 -29.75 38.47 18.64
CA ARG B 213 -30.90 38.31 19.53
C ARG B 213 -31.89 39.45 19.33
N GLN B 214 -31.42 40.62 18.93
CA GLN B 214 -32.30 41.74 18.61
C GLN B 214 -32.80 41.68 17.17
N LYS B 215 -31.97 41.21 16.23
CA LYS B 215 -32.29 41.15 14.81
C LYS B 215 -32.10 39.71 14.33
N PRO B 216 -33.04 38.83 14.62
CA PRO B 216 -32.81 37.40 14.33
C PRO B 216 -32.72 37.11 12.85
N GLY B 217 -31.79 36.24 12.49
CA GLY B 217 -31.66 35.71 11.14
C GLY B 217 -31.80 34.21 11.12
N THR B 218 -31.21 33.55 10.11
CA THR B 218 -31.26 32.10 10.00
C THR B 218 -29.91 31.44 10.20
N ASP B 219 -28.86 32.22 10.47
CA ASP B 219 -27.54 31.69 10.75
C ASP B 219 -27.52 30.94 12.08
N ALA B 220 -26.38 30.30 12.35
CA ALA B 220 -26.23 29.48 13.55
C ALA B 220 -26.30 30.33 14.82
N ILE B 221 -25.71 31.52 14.81
CA ILE B 221 -25.72 32.36 16.00
C ILE B 221 -27.13 32.84 16.29
N SER B 222 -27.83 33.34 15.27
CA SER B 222 -29.24 33.73 15.43
C SER B 222 -30.05 32.60 16.04
N ILE B 223 -29.89 31.37 15.53
CA ILE B 223 -30.67 30.25 16.04
C ILE B 223 -30.36 30.01 17.51
N VAL B 224 -29.07 29.93 17.84
CA VAL B 224 -28.69 29.68 19.23
C VAL B 224 -29.12 30.83 20.12
N ALA B 225 -28.90 32.07 19.66
CA ALA B 225 -29.22 33.23 20.50
C ALA B 225 -30.70 33.34 20.80
N ASN B 226 -31.56 32.83 19.91
CA ASN B 226 -33.00 32.90 20.12
C ASN B 226 -33.59 31.60 20.63
N GLY B 227 -32.76 30.60 20.92
CA GLY B 227 -33.28 29.34 21.41
C GLY B 227 -33.94 29.48 22.77
N GLN B 228 -34.78 28.50 23.09
CA GLN B 228 -35.49 28.43 24.36
C GLN B 228 -35.09 27.16 25.08
N VAL B 229 -34.92 27.27 26.40
CA VAL B 229 -34.57 26.15 27.26
C VAL B 229 -35.43 26.24 28.52
N ASN B 230 -36.13 25.16 28.84
CA ASN B 230 -37.00 25.10 30.02
C ASN B 230 -38.04 26.23 30.00
N GLY B 231 -38.58 26.51 28.82
CA GLY B 231 -39.61 27.52 28.66
C GLY B 231 -39.17 28.96 28.79
N ARG B 232 -37.88 29.22 28.87
CA ARG B 232 -37.36 30.57 28.97
C ARG B 232 -36.23 30.74 27.96
N PRO B 233 -35.83 31.98 27.66
CA PRO B 233 -34.77 32.18 26.66
C PRO B 233 -33.43 31.66 27.16
N ILE B 234 -32.66 31.10 26.21
CA ILE B 234 -31.30 30.67 26.52
C ILE B 234 -30.49 31.86 27.02
N THR B 235 -29.68 31.62 28.04
CA THR B 235 -28.85 32.68 28.60
C THR B 235 -27.64 32.94 27.71
N SER B 236 -27.04 34.13 27.88
CA SER B 236 -25.85 34.46 27.10
C SER B 236 -24.72 33.46 27.38
N ASP B 237 -24.58 33.02 28.63
CA ASP B 237 -23.55 32.05 28.96
C ASP B 237 -23.80 30.71 28.26
N GLU B 238 -25.05 30.24 28.26
CA GLU B 238 -25.36 29.02 27.54
C GLU B 238 -25.19 29.19 26.04
N ALA B 239 -25.49 30.39 25.53
CA ALA B 239 -25.41 30.62 24.09
C ALA B 239 -23.97 30.62 23.59
N LYS B 240 -23.06 31.27 24.33
CA LYS B 240 -21.67 31.28 23.89
C LYS B 240 -21.04 29.89 23.98
N ARG B 241 -21.39 29.12 25.01
CA ARG B 241 -20.90 27.75 25.11
C ARG B 241 -21.38 26.90 23.95
N MET B 242 -22.64 27.06 23.55
CA MET B 242 -23.17 26.31 22.42
C MET B 242 -22.43 26.65 21.14
N CYS B 243 -22.16 27.94 20.90
CA CYS B 243 -21.44 28.33 19.69
C CYS B 243 -20.01 27.85 19.72
N GLY B 244 -19.37 27.84 20.89
CA GLY B 244 -18.02 27.32 20.99
C GLY B 244 -17.96 25.82 20.74
N LEU B 245 -18.95 25.09 21.23
CA LEU B 245 -19.00 23.64 21.01
C LEU B 245 -19.22 23.31 19.54
N LEU B 246 -20.05 24.09 18.85
CA LEU B 246 -20.30 23.86 17.43
C LEU B 246 -19.14 24.28 16.55
N LEU B 247 -18.23 25.12 17.06
CA LEU B 247 -17.04 25.51 16.31
C LEU B 247 -15.85 24.62 16.64
N VAL B 248 -15.61 24.37 17.92
CA VAL B 248 -14.42 23.63 18.33
C VAL B 248 -14.69 22.13 18.46
N GLY B 249 -15.93 21.74 18.75
CA GLY B 249 -16.22 20.33 18.98
C GLY B 249 -15.75 19.44 17.84
N GLY B 250 -16.13 19.77 16.62
CA GLY B 250 -15.85 18.95 15.47
C GLY B 250 -14.53 19.17 14.75
N LEU B 251 -13.66 20.05 15.25
CA LEU B 251 -12.49 20.43 14.47
C LEU B 251 -11.46 19.30 14.40
N ASP B 252 -11.21 18.63 15.53
N ASP B 252 -11.20 18.64 15.53
CA ASP B 252 -10.12 17.65 15.58
CA ASP B 252 -10.12 17.65 15.58
C ASP B 252 -10.39 16.49 14.62
C ASP B 252 -10.39 16.49 14.62
N THR B 253 -11.58 15.91 14.66
CA THR B 253 -11.84 14.72 13.86
C THR B 253 -11.96 15.04 12.37
N VAL B 254 -12.62 16.15 12.02
CA VAL B 254 -12.74 16.51 10.61
C VAL B 254 -11.35 16.70 10.00
N VAL B 255 -10.52 17.54 10.64
CA VAL B 255 -9.17 17.77 10.16
C VAL B 255 -8.43 16.45 10.04
N ASN B 256 -8.52 15.59 11.06
CA ASN B 256 -7.74 14.37 11.06
C ASN B 256 -8.31 13.35 10.09
N PHE B 257 -9.64 13.19 10.04
CA PHE B 257 -10.19 12.18 9.14
C PHE B 257 -9.98 12.54 7.68
N LEU B 258 -10.05 13.83 7.34
CA LEU B 258 -9.72 14.23 5.99
C LEU B 258 -8.26 13.92 5.66
N SER B 259 -7.39 13.98 6.67
CA SER B 259 -5.99 13.65 6.44
C SER B 259 -5.79 12.14 6.25
N PHE B 260 -6.49 11.32 7.05
CA PHE B 260 -6.42 9.87 6.87
C PHE B 260 -6.87 9.45 5.48
N SER B 261 -7.95 10.07 4.98
CA SER B 261 -8.49 9.71 3.68
C SER B 261 -7.56 10.13 2.55
N MET B 262 -6.96 11.33 2.65
CA MET B 262 -6.08 11.79 1.58
C MET B 262 -4.76 11.03 1.60
N GLU B 263 -4.22 10.72 2.80
CA GLU B 263 -3.04 9.87 2.88
C GLU B 263 -3.26 8.53 2.20
N PHE B 264 -4.49 7.99 2.26
CA PHE B 264 -4.78 6.74 1.56
C PHE B 264 -4.85 6.95 0.06
N LEU B 265 -5.63 7.95 -0.39
CA LEU B 265 -5.78 8.17 -1.82
C LEU B 265 -4.46 8.54 -2.48
N ALA B 266 -3.56 9.18 -1.73
CA ALA B 266 -2.24 9.48 -2.29
C ALA B 266 -1.42 8.21 -2.52
N LYS B 267 -1.63 7.18 -1.70
CA LYS B 267 -0.89 5.94 -1.80
C LYS B 267 -1.53 4.92 -2.72
N SER B 268 -2.81 5.09 -3.08
CA SER B 268 -3.59 4.08 -3.77
C SER B 268 -4.14 4.67 -5.07
N PRO B 269 -3.31 4.78 -6.11
CA PRO B 269 -3.79 5.34 -7.37
C PRO B 269 -4.94 4.56 -7.98
N GLU B 270 -5.00 3.23 -7.75
CA GLU B 270 -6.14 2.45 -8.23
C GLU B 270 -7.45 3.01 -7.67
N HIS B 271 -7.47 3.25 -6.36
CA HIS B 271 -8.67 3.82 -5.74
C HIS B 271 -8.98 5.22 -6.26
N ARG B 272 -7.94 6.01 -6.54
CA ARG B 272 -8.16 7.35 -7.11
C ARG B 272 -8.86 7.25 -8.46
N GLN B 273 -8.27 6.51 -9.41
CA GLN B 273 -8.87 6.40 -10.73
C GLN B 273 -10.27 5.82 -10.67
N GLU B 274 -10.50 4.86 -9.77
CA GLU B 274 -11.85 4.32 -9.58
C GLU B 274 -12.85 5.43 -9.29
N LEU B 275 -12.46 6.41 -8.47
CA LEU B 275 -13.34 7.54 -8.19
C LEU B 275 -13.33 8.58 -9.30
N ILE B 276 -12.20 8.77 -9.96
CA ILE B 276 -12.12 9.74 -11.04
C ILE B 276 -12.97 9.32 -12.23
N GLU B 277 -12.94 8.02 -12.56
CA GLU B 277 -13.70 7.54 -13.70
C GLU B 277 -15.19 7.38 -13.38
N ARG B 278 -15.52 6.94 -12.16
CA ARG B 278 -16.90 6.76 -11.72
C ARG B 278 -17.15 7.70 -10.54
N PRO B 279 -17.40 8.99 -10.80
CA PRO B 279 -17.59 9.94 -9.70
C PRO B 279 -18.87 9.72 -8.90
N GLU B 280 -19.88 9.08 -9.48
CA GLU B 280 -21.12 8.84 -8.76
C GLU B 280 -20.96 7.89 -7.58
N ARG B 281 -19.77 7.33 -7.38
CA ARG B 281 -19.48 6.43 -6.27
C ARG B 281 -18.72 7.12 -5.15
N ILE B 282 -18.50 8.44 -5.27
CA ILE B 282 -17.90 9.18 -4.17
C ILE B 282 -18.68 9.02 -2.87
N PRO B 283 -20.02 9.13 -2.85
CA PRO B 283 -20.72 8.93 -1.57
C PRO B 283 -20.48 7.56 -0.93
N ALA B 284 -20.53 6.50 -1.74
CA ALA B 284 -20.25 5.17 -1.21
C ALA B 284 -18.83 5.05 -0.70
N ALA B 285 -17.86 5.61 -1.45
CA ALA B 285 -16.47 5.53 -1.05
C ALA B 285 -16.21 6.27 0.26
N SER B 286 -16.92 7.37 0.52
CA SER B 286 -16.73 8.10 1.77
C SER B 286 -17.13 7.25 2.96
N GLU B 287 -18.23 6.51 2.85
CA GLU B 287 -18.66 5.63 3.93
C GLU B 287 -17.64 4.52 4.18
N GLU B 288 -17.06 3.96 3.10
CA GLU B 288 -16.02 2.95 3.28
C GLU B 288 -14.74 3.56 3.84
N LEU B 289 -14.43 4.80 3.48
CA LEU B 289 -13.32 5.49 4.13
C LEU B 289 -13.63 5.77 5.59
N LEU B 290 -14.87 6.16 5.91
CA LEU B 290 -15.25 6.38 7.29
C LEU B 290 -15.12 5.11 8.12
N ARG B 291 -15.37 3.94 7.52
CA ARG B 291 -15.17 2.68 8.23
C ARG B 291 -13.69 2.38 8.42
N ARG B 292 -12.91 2.45 7.33
CA ARG B 292 -11.53 2.01 7.37
C ARG B 292 -10.67 2.92 8.24
N PHE B 293 -10.90 4.23 8.17
CA PHE B 293 -10.11 5.20 8.91
C PHE B 293 -10.91 5.88 10.01
N SER B 294 -11.80 5.12 10.65
CA SER B 294 -12.46 5.59 11.86
C SER B 294 -11.40 5.97 12.90
N LEU B 295 -11.70 6.99 13.71
CA LEU B 295 -10.62 7.58 14.49
C LEU B 295 -10.97 7.96 15.93
N VAL B 296 -12.21 7.82 16.39
CA VAL B 296 -12.55 8.15 17.77
C VAL B 296 -12.50 6.89 18.60
N ALA B 297 -12.00 7.01 19.84
CA ALA B 297 -11.95 5.87 20.76
C ALA B 297 -12.25 6.39 22.16
N ASP B 298 -13.55 6.44 22.49
CA ASP B 298 -14.02 6.92 23.78
C ASP B 298 -14.63 5.76 24.57
N GLY B 299 -15.17 6.08 25.74
CA GLY B 299 -15.72 5.04 26.59
C GLY B 299 -16.71 5.58 27.58
N ARG B 300 -17.09 4.71 28.52
CA ARG B 300 -18.08 5.02 29.55
C ARG B 300 -17.60 4.42 30.87
N ILE B 301 -18.34 4.68 31.93
CA ILE B 301 -18.05 4.12 33.24
C ILE B 301 -19.23 3.26 33.68
N LEU B 302 -18.94 2.23 34.46
CA LEU B 302 -19.99 1.37 35.00
C LEU B 302 -20.68 2.06 36.16
N THR B 303 -22.02 1.98 36.18
CA THR B 303 -22.81 2.53 37.26
C THR B 303 -23.39 1.45 38.17
N SER B 304 -23.15 0.18 37.87
CA SER B 304 -23.66 -0.91 38.69
C SER B 304 -22.87 -2.17 38.34
N ASP B 305 -22.78 -3.09 39.32
CA ASP B 305 -22.16 -4.38 39.07
C ASP B 305 -22.98 -5.14 38.04
N TYR B 306 -22.32 -5.62 36.99
CA TYR B 306 -23.01 -6.30 35.90
C TYR B 306 -22.06 -7.28 35.24
N GLU B 307 -22.57 -8.48 34.97
CA GLU B 307 -21.79 -9.54 34.33
C GLU B 307 -21.97 -9.39 32.82
N PHE B 308 -21.15 -8.51 32.23
CA PHE B 308 -21.26 -8.17 30.81
C PHE B 308 -20.54 -9.23 29.99
N HIS B 309 -21.30 -9.98 29.17
CA HIS B 309 -20.75 -10.98 28.27
C HIS B 309 -19.87 -11.99 29.00
N GLY B 310 -20.30 -12.37 30.20
CA GLY B 310 -19.55 -13.32 31.01
C GLY B 310 -18.29 -12.75 31.62
N VAL B 311 -18.28 -11.44 31.92
CA VAL B 311 -17.15 -10.79 32.54
C VAL B 311 -17.68 -9.88 33.65
N GLN B 312 -17.14 -10.05 34.84
CA GLN B 312 -17.63 -9.32 36.00
C GLN B 312 -17.18 -7.87 35.93
N LEU B 313 -18.14 -6.94 35.90
CA LEU B 313 -17.87 -5.51 35.93
C LEU B 313 -18.35 -4.94 37.26
N LYS B 314 -17.59 -4.02 37.82
CA LYS B 314 -17.95 -3.40 39.08
C LYS B 314 -18.27 -1.92 38.87
N LYS B 315 -19.13 -1.39 39.72
CA LYS B 315 -19.50 0.02 39.66
C LYS B 315 -18.28 0.89 39.91
N GLY B 316 -18.00 1.80 38.98
CA GLY B 316 -16.80 2.61 39.01
C GLY B 316 -15.76 2.19 37.99
N ASP B 317 -15.83 0.96 37.48
CA ASP B 317 -14.94 0.55 36.41
C ASP B 317 -15.13 1.43 35.18
N GLN B 318 -14.02 1.90 34.61
CA GLN B 318 -14.05 2.58 33.33
C GLN B 318 -13.94 1.54 32.23
N ILE B 319 -14.78 1.66 31.20
CA ILE B 319 -14.77 0.72 30.09
C ILE B 319 -14.62 1.52 28.79
N LEU B 320 -13.50 1.33 28.09
CA LEU B 320 -13.31 1.95 26.80
C LEU B 320 -14.10 1.18 25.76
N LEU B 321 -14.92 1.89 24.98
CA LEU B 321 -15.74 1.31 23.92
C LEU B 321 -15.36 1.96 22.61
N PRO B 322 -14.18 1.63 22.06
CA PRO B 322 -13.64 2.40 20.92
C PRO B 322 -14.54 2.38 19.71
N GLN B 323 -15.08 3.54 19.33
CA GLN B 323 -15.92 3.61 18.13
C GLN B 323 -15.16 3.15 16.90
N MET B 324 -13.83 3.28 16.92
CA MET B 324 -13.00 2.92 15.78
C MET B 324 -13.00 1.42 15.52
N LEU B 325 -13.13 0.60 16.56
CA LEU B 325 -12.94 -0.84 16.42
C LEU B 325 -14.11 -1.55 15.77
N SER B 326 -15.31 -0.95 15.77
CA SER B 326 -16.48 -1.67 15.28
C SER B 326 -16.39 -1.95 13.79
N GLY B 327 -15.92 -0.99 12.99
CA GLY B 327 -15.81 -1.19 11.57
C GLY B 327 -14.61 -2.02 11.14
N LEU B 328 -13.60 -2.13 12.00
CA LEU B 328 -12.43 -2.94 11.73
C LEU B 328 -12.59 -4.38 12.20
N ASP B 329 -13.71 -4.69 12.86
CA ASP B 329 -13.99 -6.04 13.33
C ASP B 329 -14.26 -6.95 12.13
N GLU B 330 -13.42 -7.98 11.96
CA GLU B 330 -13.63 -8.92 10.86
C GLU B 330 -14.94 -9.68 10.99
N ARG B 331 -15.49 -9.79 12.21
CA ARG B 331 -16.80 -10.41 12.38
C ARG B 331 -17.91 -9.57 11.76
N GLU B 332 -17.69 -8.25 11.60
CA GLU B 332 -18.68 -7.36 11.01
C GLU B 332 -18.39 -7.01 9.56
N ASN B 333 -17.12 -6.96 9.18
CA ASN B 333 -16.73 -6.62 7.80
C ASN B 333 -15.63 -7.57 7.38
N ALA B 334 -15.88 -8.34 6.32
CA ALA B 334 -14.87 -9.27 5.82
C ALA B 334 -13.68 -8.49 5.26
N ALA B 335 -12.48 -8.98 5.55
CA ALA B 335 -11.23 -8.34 5.17
C ALA B 335 -11.28 -6.86 5.56
N PRO B 336 -11.36 -6.57 6.86
CA PRO B 336 -11.64 -5.18 7.27
C PRO B 336 -10.56 -4.18 6.90
N MET B 337 -9.29 -4.60 6.86
CA MET B 337 -8.23 -3.66 6.52
C MET B 337 -8.24 -3.30 5.04
N HIS B 338 -8.93 -4.06 4.20
CA HIS B 338 -9.01 -3.78 2.78
C HIS B 338 -10.04 -2.67 2.52
N VAL B 339 -9.70 -1.77 1.61
CA VAL B 339 -10.57 -0.67 1.22
C VAL B 339 -11.29 -1.06 -0.06
N ASP B 340 -12.58 -1.34 0.06
CA ASP B 340 -13.41 -1.78 -1.06
C ASP B 340 -14.53 -0.77 -1.25
N PHE B 341 -14.36 0.13 -2.23
CA PHE B 341 -15.39 1.14 -2.49
C PHE B 341 -16.70 0.54 -2.93
N SER B 342 -16.70 -0.71 -3.39
CA SER B 342 -17.93 -1.44 -3.71
C SER B 342 -18.34 -2.41 -2.61
N ARG B 343 -17.77 -2.26 -1.41
CA ARG B 343 -18.19 -3.09 -0.28
C ARG B 343 -19.68 -3.01 -0.08
N GLN B 344 -20.28 -4.16 0.21
CA GLN B 344 -21.72 -4.38 0.07
C GLN B 344 -22.50 -4.01 1.33
N CYS B 345 -22.05 -4.46 2.49
CA CYS B 345 -22.72 -4.19 3.76
C CYS B 345 -21.72 -3.49 4.68
N VAL B 346 -21.53 -2.19 4.47
CA VAL B 346 -20.56 -1.43 5.25
C VAL B 346 -21.11 -1.25 6.66
N SER B 347 -20.37 -1.74 7.65
CA SER B 347 -20.78 -1.71 9.05
C SER B 347 -19.73 -0.95 9.86
N HIS B 348 -20.16 0.10 10.56
CA HIS B 348 -19.25 0.87 11.41
C HIS B 348 -20.05 1.66 12.44
N THR B 349 -19.33 2.15 13.45
CA THR B 349 -19.86 3.06 14.46
C THR B 349 -18.95 4.28 14.55
N THR B 350 -18.59 4.85 13.39
CA THR B 350 -17.55 5.87 13.33
C THR B 350 -18.01 7.19 13.94
N PHE B 351 -19.29 7.51 13.82
CA PHE B 351 -19.88 8.65 14.49
C PHE B 351 -20.45 8.28 15.85
N GLY B 352 -20.19 7.07 16.33
CA GLY B 352 -20.71 6.62 17.60
C GLY B 352 -21.89 5.68 17.43
N HIS B 353 -22.57 5.46 18.55
CA HIS B 353 -23.72 4.56 18.57
C HIS B 353 -24.56 4.87 19.79
N GLY B 354 -25.87 5.01 19.59
CA GLY B 354 -26.79 5.29 20.66
C GLY B 354 -27.23 6.74 20.71
N SER B 355 -27.68 7.15 21.90
CA SER B 355 -28.38 8.42 22.02
C SER B 355 -27.46 9.62 21.85
N HIS B 356 -26.15 9.43 21.90
CA HIS B 356 -25.20 10.54 21.79
C HIS B 356 -24.42 10.50 20.49
N LEU B 357 -24.91 9.76 19.48
CA LEU B 357 -24.24 9.72 18.19
C LEU B 357 -24.04 11.12 17.63
N CYS B 358 -22.89 11.33 17.01
CA CYS B 358 -22.43 12.65 16.57
C CYS B 358 -23.53 13.45 15.89
N LEU B 359 -23.86 14.60 16.47
CA LEU B 359 -24.89 15.46 15.91
C LEU B 359 -24.41 16.22 14.68
N GLY B 360 -23.13 16.16 14.36
CA GLY B 360 -22.65 16.75 13.12
C GLY B 360 -22.40 15.72 12.03
N GLN B 361 -23.00 14.54 12.17
CA GLN B 361 -22.71 13.45 11.23
C GLN B 361 -23.08 13.84 9.80
N HIS B 362 -24.18 14.57 9.62
CA HIS B 362 -24.62 14.93 8.28
C HIS B 362 -23.72 16.01 7.68
N LEU B 363 -23.31 16.98 8.49
CA LEU B 363 -22.35 17.97 8.02
C LEU B 363 -21.02 17.33 7.68
N ALA B 364 -20.55 16.39 8.51
CA ALA B 364 -19.25 15.77 8.29
C ALA B 364 -19.24 14.95 7.02
N ARG B 365 -20.31 14.20 6.76
CA ARG B 365 -20.36 13.41 5.53
C ARG B 365 -20.35 14.31 4.30
N ARG B 366 -21.10 15.42 4.35
CA ARG B 366 -21.11 16.34 3.22
C ARG B 366 -19.74 16.95 3.00
N GLU B 367 -19.06 17.32 4.10
CA GLU B 367 -17.72 17.87 3.97
C GLU B 367 -16.76 16.89 3.33
N ILE B 368 -16.87 15.60 3.68
CA ILE B 368 -16.00 14.58 3.11
C ILE B 368 -16.31 14.37 1.63
N ILE B 369 -17.59 14.24 1.30
CA ILE B 369 -17.99 13.95 -0.07
C ILE B 369 -17.63 15.13 -0.98
N VAL B 370 -17.89 16.35 -0.53
CA VAL B 370 -17.54 17.52 -1.31
C VAL B 370 -16.03 17.61 -1.51
N THR B 371 -15.28 17.35 -0.43
CA THR B 371 -13.81 17.43 -0.54
C THR B 371 -13.28 16.43 -1.56
N LEU B 372 -13.77 15.19 -1.54
CA LEU B 372 -13.31 14.20 -2.51
C LEU B 372 -13.71 14.61 -3.92
N LYS B 373 -14.97 15.01 -4.10
CA LYS B 373 -15.46 15.38 -5.43
C LYS B 373 -14.68 16.55 -6.00
N GLU B 374 -14.56 17.64 -5.24
CA GLU B 374 -13.98 18.86 -5.78
C GLU B 374 -12.45 18.77 -5.91
N TRP B 375 -11.81 17.84 -5.22
CA TRP B 375 -10.36 17.72 -5.32
C TRP B 375 -9.96 16.89 -6.53
N LEU B 376 -10.60 15.73 -6.71
CA LEU B 376 -10.20 14.82 -7.78
C LEU B 376 -10.50 15.37 -9.17
N THR B 377 -11.54 16.19 -9.30
CA THR B 377 -11.83 16.79 -10.60
C THR B 377 -10.83 17.88 -10.96
N ARG B 378 -10.06 18.37 -10.00
CA ARG B 378 -9.04 19.39 -10.22
C ARG B 378 -7.63 18.86 -10.08
N ILE B 379 -7.38 17.99 -9.12
CA ILE B 379 -6.05 17.43 -8.90
C ILE B 379 -6.17 15.91 -8.92
N PRO B 380 -6.19 15.28 -10.11
CA PRO B 380 -6.42 13.83 -10.15
C PRO B 380 -5.25 13.03 -9.62
N ASP B 381 -4.03 13.40 -9.97
CA ASP B 381 -2.84 12.63 -9.63
C ASP B 381 -2.00 13.40 -8.63
N PHE B 382 -1.65 12.74 -7.53
CA PHE B 382 -0.84 13.32 -6.49
C PHE B 382 -0.29 12.20 -5.62
N SER B 383 0.71 12.52 -4.81
CA SER B 383 1.36 11.53 -3.98
C SER B 383 1.88 12.21 -2.72
N ILE B 384 2.57 11.42 -1.89
CA ILE B 384 3.22 11.98 -0.71
C ILE B 384 4.48 12.73 -1.13
N ALA B 385 4.91 13.65 -0.27
CA ALA B 385 6.17 14.33 -0.50
C ALA B 385 7.31 13.32 -0.48
N PRO B 386 8.21 13.33 -1.47
CA PRO B 386 9.30 12.36 -1.49
C PRO B 386 10.16 12.44 -0.23
N GLY B 387 10.44 11.27 0.34
CA GLY B 387 11.22 11.19 1.57
C GLY B 387 10.47 11.53 2.83
N ALA B 388 9.19 11.87 2.74
CA ALA B 388 8.40 12.22 3.92
C ALA B 388 7.78 10.98 4.53
N GLN B 389 7.85 10.88 5.86
CA GLN B 389 7.19 9.82 6.62
C GLN B 389 6.00 10.43 7.34
N ILE B 390 4.82 9.85 7.14
CA ILE B 390 3.61 10.37 7.74
C ILE B 390 3.50 9.83 9.15
N GLN B 391 3.36 10.73 10.12
CA GLN B 391 3.30 10.35 11.53
C GLN B 391 1.85 10.35 11.99
N HIS B 392 1.45 9.29 12.67
CA HIS B 392 0.14 9.21 13.29
C HIS B 392 0.24 9.42 14.79
N LYS B 393 -0.82 9.98 15.38
CA LYS B 393 -0.94 10.08 16.82
C LYS B 393 -2.23 9.40 17.26
N SER B 394 -2.21 8.85 18.47
CA SER B 394 -3.28 8.03 19.01
C SER B 394 -3.74 8.56 20.35
N GLY B 395 -5.06 8.54 20.55
CA GLY B 395 -5.68 8.97 21.79
C GLY B 395 -7.18 8.79 21.70
N ILE B 396 -7.95 9.67 22.35
CA ILE B 396 -9.40 9.63 22.20
C ILE B 396 -9.77 9.99 20.77
N VAL B 397 -9.10 10.99 20.19
CA VAL B 397 -9.22 11.31 18.77
C VAL B 397 -7.84 11.14 18.14
N SER B 398 -7.66 10.07 17.35
CA SER B 398 -6.40 9.86 16.66
C SER B 398 -6.30 10.76 15.43
N GLY B 399 -5.07 10.98 14.98
CA GLY B 399 -4.88 11.95 13.91
C GLY B 399 -3.59 11.78 13.15
N VAL B 400 -3.43 12.64 12.14
CA VAL B 400 -2.26 12.69 11.28
C VAL B 400 -1.48 13.95 11.62
N GLN B 401 -0.17 13.81 11.77
CA GLN B 401 0.69 14.94 12.13
C GLN B 401 0.72 15.98 11.02
N ALA B 402 1.00 15.54 9.80
CA ALA B 402 1.05 16.41 8.64
C ALA B 402 0.99 15.54 7.39
N LEU B 403 0.54 16.15 6.29
CA LEU B 403 0.36 15.44 5.03
C LEU B 403 0.95 16.32 3.92
N PRO B 404 2.25 16.19 3.65
CA PRO B 404 2.87 16.93 2.55
C PRO B 404 2.65 16.21 1.23
N LEU B 405 1.89 16.84 0.34
CA LEU B 405 1.53 16.29 -0.95
C LEU B 405 2.30 17.01 -2.05
N VAL B 406 2.46 16.31 -3.18
CA VAL B 406 3.10 16.87 -4.37
C VAL B 406 2.30 16.43 -5.58
N TRP B 407 2.38 17.22 -6.65
CA TRP B 407 1.75 16.84 -7.91
C TRP B 407 2.30 17.72 -9.02
N ASP B 408 2.11 17.27 -10.25
CA ASP B 408 2.55 18.02 -11.42
C ASP B 408 1.43 18.97 -11.85
N PRO B 409 1.63 20.28 -11.77
CA PRO B 409 0.55 21.21 -12.17
C PRO B 409 0.13 21.10 -13.63
N ALA B 410 0.90 20.40 -14.46
CA ALA B 410 0.51 20.18 -15.84
C ALA B 410 -0.55 19.09 -15.99
N THR B 411 -0.89 18.38 -14.91
CA THR B 411 -1.90 17.33 -14.94
C THR B 411 -3.22 17.76 -14.31
N THR B 412 -3.35 19.02 -13.91
CA THR B 412 -4.45 19.47 -13.06
C THR B 412 -5.42 20.34 -13.85
N LYS B 413 -6.68 19.93 -13.90
CA LYS B 413 -7.71 20.75 -14.51
C LYS B 413 -8.02 21.95 -13.62
N ALA B 414 -8.39 23.06 -14.27
CA ALA B 414 -8.66 24.30 -13.55
C ALA B 414 -10.13 24.67 -13.63
N VAL B 415 -11.01 23.73 -13.35
CA VAL B 415 -12.44 24.00 -13.39
C VAL B 415 -12.81 24.87 -12.19
N SER C 7 47.41 -20.93 -17.88
CA SER C 7 47.72 -19.52 -17.70
C SER C 7 47.53 -19.10 -16.23
N LYS C 8 48.16 -18.01 -15.84
CA LYS C 8 48.21 -17.60 -14.44
C LYS C 8 48.16 -16.09 -14.33
N VAL C 9 47.29 -15.58 -13.46
CA VAL C 9 47.15 -14.16 -13.19
C VAL C 9 47.33 -13.93 -11.69
N VAL C 10 48.03 -12.86 -11.34
CA VAL C 10 48.29 -12.50 -9.95
C VAL C 10 47.61 -11.16 -9.68
N TYR C 11 46.74 -11.14 -8.68
CA TYR C 11 46.02 -9.93 -8.26
C TYR C 11 46.63 -9.43 -6.97
N VAL C 12 47.18 -8.22 -7.00
CA VAL C 12 47.82 -7.61 -5.84
C VAL C 12 46.83 -6.59 -5.26
N SER C 13 46.30 -6.91 -4.08
CA SER C 13 45.36 -6.02 -3.42
C SER C 13 46.07 -4.76 -2.90
N HIS C 14 45.26 -3.80 -2.45
CA HIS C 14 45.79 -2.51 -2.01
C HIS C 14 46.74 -2.64 -0.83
N ASP C 15 46.50 -3.62 0.05
CA ASP C 15 47.33 -3.83 1.24
C ASP C 15 48.57 -4.68 0.96
N GLY C 16 48.88 -4.93 -0.31
CA GLY C 16 50.01 -5.77 -0.66
C GLY C 16 49.73 -7.25 -0.69
N THR C 17 48.53 -7.69 -0.30
CA THR C 17 48.18 -9.10 -0.35
C THR C 17 48.19 -9.60 -1.78
N ARG C 18 48.77 -10.78 -1.96
CA ARG C 18 48.87 -11.40 -3.28
C ARG C 18 47.80 -12.46 -3.45
N ARG C 19 47.23 -12.54 -4.65
CA ARG C 19 46.28 -13.59 -5.01
C ARG C 19 46.69 -14.13 -6.37
N GLU C 20 47.38 -15.26 -6.37
CA GLU C 20 47.83 -15.91 -7.60
C GLU C 20 46.75 -16.89 -8.05
N LEU C 21 46.32 -16.75 -9.30
CA LEU C 21 45.11 -17.39 -9.76
C LEU C 21 45.30 -17.96 -11.16
N ASP C 22 44.85 -19.19 -11.38
CA ASP C 22 44.89 -19.82 -12.69
C ASP C 22 43.63 -19.49 -13.45
N VAL C 23 43.77 -18.77 -14.56
CA VAL C 23 42.65 -18.25 -15.34
C VAL C 23 42.60 -18.99 -16.67
N ALA C 24 41.41 -19.48 -17.02
CA ALA C 24 41.25 -20.22 -18.26
C ALA C 24 41.36 -19.30 -19.48
N CYS C 25 41.77 -19.87 -20.60
CA CYS C 25 41.87 -19.13 -21.84
C CYS C 25 40.50 -18.67 -22.30
N GLY C 26 40.38 -17.39 -22.65
CA GLY C 26 39.12 -16.81 -23.06
C GLY C 26 38.30 -16.16 -21.96
N VAL C 27 38.75 -16.24 -20.71
CA VAL C 27 38.03 -15.64 -19.58
C VAL C 27 38.63 -14.28 -19.28
N SER C 28 37.75 -13.31 -19.01
CA SER C 28 38.23 -11.97 -18.69
C SER C 28 38.81 -11.94 -17.28
N LEU C 29 39.66 -10.94 -17.03
CA LEU C 29 40.23 -10.81 -15.68
C LEU C 29 39.18 -10.45 -14.64
N MET C 30 38.08 -9.81 -15.07
CA MET C 30 36.97 -9.60 -14.16
C MET C 30 36.32 -10.92 -13.75
N GLN C 31 35.89 -11.72 -14.73
CA GLN C 31 35.16 -12.94 -14.42
C GLN C 31 35.98 -13.85 -13.50
N ALA C 32 37.29 -13.95 -13.77
CA ALA C 32 38.14 -14.77 -12.91
C ALA C 32 38.15 -14.24 -11.48
N ALA C 33 38.36 -12.93 -11.32
CA ALA C 33 38.40 -12.33 -9.99
C ALA C 33 37.09 -12.54 -9.25
N VAL C 34 35.97 -12.22 -9.91
CA VAL C 34 34.66 -12.33 -9.27
C VAL C 34 34.34 -13.77 -8.91
N SER C 35 34.74 -14.71 -9.78
CA SER C 35 34.49 -16.12 -9.55
C SER C 35 35.41 -16.74 -8.51
N ASN C 36 36.39 -16.01 -7.99
CA ASN C 36 37.41 -16.59 -7.11
C ASN C 36 37.64 -15.73 -5.88
N GLY C 37 36.57 -15.22 -5.28
CA GLY C 37 36.66 -14.53 -4.01
C GLY C 37 37.41 -13.22 -3.99
N ILE C 38 37.73 -12.64 -5.15
CA ILE C 38 38.51 -11.39 -5.18
C ILE C 38 37.48 -10.26 -5.08
N TYR C 39 37.03 -10.01 -3.84
CA TYR C 39 35.96 -9.05 -3.60
C TYR C 39 36.35 -7.62 -3.93
N ASP C 40 37.64 -7.32 -3.99
CA ASP C 40 38.10 -5.98 -4.33
C ASP C 40 37.86 -5.63 -5.80
N ILE C 41 37.39 -6.58 -6.61
CA ILE C 41 36.91 -6.32 -7.96
C ILE C 41 35.42 -6.64 -7.98
N VAL C 42 34.61 -5.66 -8.37
CA VAL C 42 33.16 -5.80 -8.23
C VAL C 42 32.56 -6.36 -9.51
N GLY C 43 32.72 -5.66 -10.63
CA GLY C 43 32.15 -6.09 -11.90
C GLY C 43 30.65 -5.94 -11.98
N ASP C 44 30.15 -4.76 -11.63
CA ASP C 44 28.72 -4.58 -11.44
C ASP C 44 27.94 -4.79 -12.74
N CYS C 45 28.49 -4.34 -13.87
CA CYS C 45 27.71 -4.41 -15.11
C CYS C 45 27.85 -5.75 -15.83
N GLY C 46 28.63 -6.69 -15.29
CA GLY C 46 28.79 -7.97 -15.93
C GLY C 46 29.78 -8.02 -17.08
N GLY C 47 30.51 -6.94 -17.34
CA GLY C 47 31.66 -7.01 -18.22
C GLY C 47 31.53 -6.40 -19.61
N SER C 48 30.71 -5.37 -19.77
CA SER C 48 30.48 -4.77 -21.08
C SER C 48 30.96 -3.33 -21.14
N ALA C 49 31.91 -2.96 -20.27
CA ALA C 49 32.43 -1.59 -20.19
C ALA C 49 31.29 -0.60 -19.96
N SER C 50 30.53 -0.84 -18.89
CA SER C 50 29.35 -0.05 -18.59
C SER C 50 29.29 0.46 -17.16
N CYS C 51 30.31 0.21 -16.33
CA CYS C 51 30.21 0.55 -14.91
C CYS C 51 31.51 1.00 -14.26
N ALA C 52 32.68 0.59 -14.76
CA ALA C 52 33.99 0.96 -14.19
C ALA C 52 34.19 0.43 -12.78
N THR C 53 33.51 -0.66 -12.40
CA THR C 53 33.74 -1.28 -11.11
C THR C 53 34.64 -2.50 -11.19
N CYS C 54 35.37 -2.65 -12.30
CA CYS C 54 36.40 -3.67 -12.45
C CYS C 54 37.78 -3.06 -12.62
N HIS C 55 37.95 -1.82 -12.15
CA HIS C 55 39.17 -1.06 -12.37
C HIS C 55 40.38 -1.78 -11.78
N VAL C 56 41.45 -1.90 -12.58
CA VAL C 56 42.71 -2.48 -12.12
C VAL C 56 43.87 -1.73 -12.78
N TYR C 57 45.03 -1.81 -12.14
CA TYR C 57 46.27 -1.23 -12.67
C TYR C 57 47.11 -2.36 -13.26
N VAL C 58 47.41 -2.26 -14.54
CA VAL C 58 48.16 -3.30 -15.23
C VAL C 58 49.65 -3.09 -15.00
N ASN C 59 50.35 -4.17 -14.68
CA ASN C 59 51.80 -4.11 -14.53
C ASN C 59 52.44 -3.58 -15.81
N GLU C 60 53.45 -2.73 -15.65
CA GLU C 60 54.07 -2.08 -16.80
C GLU C 60 54.78 -3.06 -17.72
N ALA C 61 55.07 -4.27 -17.24
CA ALA C 61 55.69 -5.28 -18.09
C ALA C 61 54.73 -5.82 -19.13
N PHE C 62 53.43 -5.82 -18.83
CA PHE C 62 52.42 -6.44 -19.68
C PHE C 62 51.54 -5.41 -20.39
N THR C 63 51.72 -4.12 -20.11
CA THR C 63 50.83 -3.10 -20.68
C THR C 63 50.87 -3.11 -22.21
N ASP C 64 52.08 -3.16 -22.78
CA ASP C 64 52.21 -3.16 -24.23
C ASP C 64 51.86 -4.51 -24.86
N LYS C 65 51.65 -5.55 -24.06
CA LYS C 65 51.29 -6.84 -24.62
C LYS C 65 49.78 -7.04 -24.70
N VAL C 66 49.03 -6.63 -23.68
CA VAL C 66 47.58 -6.76 -23.67
C VAL C 66 47.01 -5.92 -24.81
N PRO C 67 45.93 -6.35 -25.45
CA PRO C 67 45.31 -5.50 -26.48
C PRO C 67 44.89 -4.15 -25.89
N ALA C 68 45.00 -3.10 -26.70
CA ALA C 68 44.74 -1.76 -26.21
C ALA C 68 43.25 -1.57 -25.93
N ALA C 69 42.93 -0.48 -25.25
CA ALA C 69 41.56 -0.18 -24.89
C ALA C 69 40.81 0.46 -26.07
N ASN C 70 39.53 0.13 -26.19
CA ASN C 70 38.69 0.70 -27.23
C ASN C 70 38.05 2.00 -26.74
N GLU C 71 37.19 2.58 -27.58
CA GLU C 71 36.61 3.88 -27.26
C GLU C 71 35.68 3.81 -26.06
N ARG C 72 34.91 2.73 -25.94
CA ARG C 72 33.98 2.60 -24.83
C ARG C 72 34.71 2.48 -23.50
N GLU C 73 35.80 1.69 -23.47
CA GLU C 73 36.53 1.48 -22.22
C GLU C 73 37.14 2.79 -21.71
N ILE C 74 37.66 3.62 -22.62
CA ILE C 74 38.33 4.84 -22.18
C ILE C 74 37.33 5.85 -21.63
N GLY C 75 36.23 6.06 -22.36
CA GLY C 75 35.18 6.94 -21.85
C GLY C 75 34.57 6.44 -20.56
N MET C 76 34.57 5.13 -20.35
CA MET C 76 34.13 4.57 -19.08
C MET C 76 35.18 4.69 -17.99
N LEU C 77 36.47 4.59 -18.35
CA LEU C 77 37.54 4.70 -17.37
C LEU C 77 37.59 6.07 -16.72
N GLU C 78 37.03 7.10 -17.36
CA GLU C 78 36.97 8.43 -16.76
C GLU C 78 36.16 8.44 -15.47
N SER C 79 35.33 7.42 -15.24
CA SER C 79 34.43 7.38 -14.11
C SER C 79 34.99 6.61 -12.92
N VAL C 80 36.21 6.07 -13.01
CA VAL C 80 36.74 5.28 -11.91
C VAL C 80 36.82 6.15 -10.66
N THR C 81 36.50 5.54 -9.51
CA THR C 81 36.53 6.28 -8.26
C THR C 81 37.93 6.37 -7.69
N ALA C 82 38.77 5.36 -7.92
CA ALA C 82 40.16 5.42 -7.53
C ALA C 82 40.94 6.30 -8.51
N GLU C 83 42.23 6.47 -8.24
CA GLU C 83 43.07 7.29 -9.10
C GLU C 83 43.17 6.67 -10.48
N LEU C 84 42.87 7.48 -11.50
CA LEU C 84 42.99 7.06 -12.89
C LEU C 84 44.45 7.25 -13.32
N LYS C 85 45.14 6.14 -13.57
CA LYS C 85 46.54 6.15 -14.00
C LYS C 85 46.64 5.74 -15.46
N PRO C 86 47.76 6.06 -16.13
CA PRO C 86 47.91 5.67 -17.53
C PRO C 86 47.93 4.16 -17.76
N ASN C 87 48.14 3.35 -16.72
CA ASN C 87 48.05 1.90 -16.83
C ASN C 87 46.77 1.35 -16.21
N SER C 88 45.77 2.21 -16.00
CA SER C 88 44.47 1.76 -15.53
C SER C 88 43.70 1.09 -16.66
N ARG C 89 43.09 -0.06 -16.35
CA ARG C 89 42.30 -0.78 -17.33
C ARG C 89 41.02 -1.28 -16.69
N LEU C 90 40.04 -1.56 -17.53
CA LEU C 90 38.84 -2.30 -17.15
C LEU C 90 39.13 -3.78 -17.38
N CYS C 91 39.31 -4.53 -16.29
CA CYS C 91 39.76 -5.91 -16.42
C CYS C 91 38.72 -6.84 -17.05
N CYS C 92 37.49 -6.36 -17.27
CA CYS C 92 36.55 -7.16 -18.04
C CYS C 92 36.81 -7.07 -19.54
N GLN C 93 37.63 -6.12 -19.97
CA GLN C 93 38.07 -6.03 -21.35
C GLN C 93 39.41 -6.71 -21.58
N ILE C 94 40.05 -7.23 -20.54
CA ILE C 94 41.32 -7.94 -20.68
C ILE C 94 40.99 -9.43 -20.70
N ILE C 95 41.05 -10.03 -21.89
CA ILE C 95 40.70 -11.43 -22.08
C ILE C 95 41.96 -12.27 -21.97
N MET C 96 41.90 -13.36 -21.19
CA MET C 96 43.08 -14.14 -20.90
C MET C 96 43.48 -15.01 -22.09
N THR C 97 44.73 -14.91 -22.49
CA THR C 97 45.36 -15.75 -23.50
C THR C 97 46.68 -16.25 -22.94
N PRO C 98 47.20 -17.37 -23.46
CA PRO C 98 48.49 -17.87 -22.95
C PRO C 98 49.64 -16.89 -23.09
N GLU C 99 49.55 -15.94 -24.03
CA GLU C 99 50.59 -14.92 -24.16
C GLU C 99 50.69 -14.03 -22.93
N LEU C 100 49.63 -13.93 -22.15
CA LEU C 100 49.59 -13.07 -20.97
C LEU C 100 49.90 -13.82 -19.69
N ASP C 101 50.51 -14.99 -19.79
CA ASP C 101 50.79 -15.80 -18.60
C ASP C 101 51.70 -15.02 -17.66
N GLY C 102 51.30 -14.94 -16.39
CA GLY C 102 52.08 -14.26 -15.38
C GLY C 102 51.77 -12.79 -15.21
N ILE C 103 50.69 -12.29 -15.81
CA ILE C 103 50.37 -10.87 -15.70
C ILE C 103 49.96 -10.55 -14.27
N VAL C 104 50.43 -9.41 -13.76
CA VAL C 104 50.10 -8.93 -12.43
C VAL C 104 49.25 -7.68 -12.57
N VAL C 105 48.18 -7.61 -11.79
CA VAL C 105 47.32 -6.44 -11.75
C VAL C 105 47.22 -5.96 -10.32
N ASP C 106 47.29 -4.65 -10.13
CA ASP C 106 47.08 -4.01 -8.84
C ASP C 106 45.63 -3.57 -8.74
N VAL C 107 44.96 -3.99 -7.67
CA VAL C 107 43.55 -3.67 -7.49
C VAL C 107 43.43 -2.42 -6.61
N PRO C 108 42.73 -1.38 -7.06
CA PRO C 108 42.55 -0.17 -6.24
C PRO C 108 41.85 -0.47 -4.93
N ASP C 109 41.89 0.53 -4.04
CA ASP C 109 41.23 0.41 -2.74
C ASP C 109 39.71 0.50 -2.83
N ARG C 110 39.16 0.86 -3.98
CA ARG C 110 37.72 1.00 -4.11
C ARG C 110 37.34 0.90 -5.58
N GLN C 111 36.14 0.37 -5.81
CA GLN C 111 35.47 0.39 -7.12
C GLN C 111 34.22 1.25 -7.10
N TRP C 112 33.42 1.13 -6.05
CA TRP C 112 32.32 2.04 -5.78
C TRP C 112 32.86 3.36 -5.24
N HIS D 6 -35.70 -2.39 -5.13
CA HIS D 6 -36.13 -1.00 -5.00
C HIS D 6 -37.66 -0.91 -4.98
N SER D 7 -38.21 -0.71 -3.79
CA SER D 7 -39.65 -0.67 -3.59
C SER D 7 -40.09 0.73 -3.16
N LYS D 8 -41.40 0.95 -3.23
CA LYS D 8 -41.98 2.28 -3.08
C LYS D 8 -42.43 2.52 -1.64
N VAL D 9 -42.11 3.70 -1.13
CA VAL D 9 -42.57 4.16 0.18
C VAL D 9 -43.26 5.51 -0.01
N VAL D 10 -44.36 5.70 0.70
CA VAL D 10 -45.12 6.95 0.67
C VAL D 10 -45.02 7.58 2.04
N TYR D 11 -44.39 8.75 2.11
CA TYR D 11 -44.29 9.54 3.33
C TYR D 11 -45.33 10.67 3.25
N VAL D 12 -46.37 10.56 4.06
CA VAL D 12 -47.43 11.56 4.11
C VAL D 12 -47.13 12.51 5.26
N SER D 13 -46.87 13.78 4.93
CA SER D 13 -46.57 14.77 5.94
C SER D 13 -47.82 15.08 6.78
N HIS D 14 -47.62 15.93 7.79
CA HIS D 14 -48.72 16.36 8.63
C HIS D 14 -49.77 17.14 7.83
N ASP D 15 -49.33 18.06 6.97
CA ASP D 15 -50.27 18.84 6.17
C ASP D 15 -51.04 17.98 5.17
N GLY D 16 -50.58 16.76 4.92
CA GLY D 16 -51.22 15.86 3.99
C GLY D 16 -50.47 15.64 2.70
N THR D 17 -49.30 16.25 2.53
CA THR D 17 -48.54 16.10 1.29
C THR D 17 -47.95 14.69 1.19
N ARG D 18 -48.29 13.99 0.13
CA ARG D 18 -47.80 12.63 -0.10
C ARG D 18 -46.51 12.68 -0.90
N ARG D 19 -45.44 12.11 -0.33
CA ARG D 19 -44.13 12.11 -0.97
C ARG D 19 -43.73 10.66 -1.21
N GLU D 20 -43.62 10.29 -2.49
CA GLU D 20 -43.26 8.93 -2.87
C GLU D 20 -41.76 8.84 -3.07
N LEU D 21 -41.16 7.77 -2.53
CA LEU D 21 -39.74 7.52 -2.67
C LEU D 21 -39.51 6.06 -3.01
N ASP D 22 -38.52 5.81 -3.86
CA ASP D 22 -38.05 4.47 -4.14
C ASP D 22 -36.94 4.14 -3.16
N VAL D 23 -37.15 3.10 -2.35
CA VAL D 23 -36.28 2.78 -1.22
C VAL D 23 -35.68 1.40 -1.45
N ALA D 24 -34.36 1.31 -1.27
CA ALA D 24 -33.67 0.05 -1.49
C ALA D 24 -34.03 -0.97 -0.41
N CYS D 25 -33.91 -2.24 -0.77
CA CYS D 25 -34.16 -3.32 0.17
C CYS D 25 -33.05 -3.37 1.21
N GLY D 26 -33.44 -3.58 2.48
CA GLY D 26 -32.49 -3.58 3.57
C GLY D 26 -32.23 -2.22 4.19
N VAL D 27 -32.71 -1.14 3.56
CA VAL D 27 -32.61 0.21 4.09
C VAL D 27 -33.81 0.49 4.98
N SER D 28 -33.59 1.17 6.10
CA SER D 28 -34.70 1.53 6.98
C SER D 28 -35.44 2.74 6.43
N LEU D 29 -36.70 2.90 6.88
CA LEU D 29 -37.50 4.03 6.42
C LEU D 29 -36.97 5.36 6.93
N MET D 30 -36.29 5.36 8.08
CA MET D 30 -35.69 6.60 8.57
C MET D 30 -34.53 7.02 7.66
N GLN D 31 -33.62 6.09 7.37
CA GLN D 31 -32.48 6.41 6.54
C GLN D 31 -32.92 6.92 5.17
N ALA D 32 -33.86 6.21 4.53
CA ALA D 32 -34.42 6.68 3.26
C ALA D 32 -34.95 8.10 3.37
N ALA D 33 -35.67 8.40 4.46
CA ALA D 33 -36.23 9.73 4.65
C ALA D 33 -35.14 10.78 4.80
N VAL D 34 -34.17 10.53 5.69
CA VAL D 34 -33.16 11.53 6.00
C VAL D 34 -32.27 11.83 4.80
N SER D 35 -32.13 10.87 3.88
CA SER D 35 -31.28 11.03 2.71
C SER D 35 -32.04 11.51 1.48
N ASN D 36 -33.31 11.92 1.64
CA ASN D 36 -34.08 12.35 0.48
C ASN D 36 -35.02 13.50 0.81
N GLY D 37 -34.61 14.37 1.74
CA GLY D 37 -35.37 15.58 2.02
C GLY D 37 -36.68 15.40 2.76
N ILE D 38 -36.93 14.23 3.35
CA ILE D 38 -38.09 14.09 4.23
C ILE D 38 -37.70 14.69 5.58
N TYR D 39 -37.83 16.01 5.72
CA TYR D 39 -37.30 16.72 6.87
C TYR D 39 -38.14 16.55 8.14
N ASP D 40 -39.39 16.13 8.02
CA ASP D 40 -40.20 15.91 9.22
C ASP D 40 -39.84 14.61 9.93
N ILE D 41 -38.84 13.89 9.44
CA ILE D 41 -38.20 12.77 10.12
C ILE D 41 -36.76 13.18 10.41
N VAL D 42 -36.37 13.15 11.68
CA VAL D 42 -35.06 13.69 12.08
C VAL D 42 -34.01 12.59 12.15
N GLY D 43 -34.27 11.52 12.89
CA GLY D 43 -33.32 10.44 13.01
C GLY D 43 -32.08 10.80 13.81
N ASP D 44 -32.30 11.49 14.94
CA ASP D 44 -31.19 12.12 15.68
C ASP D 44 -30.16 11.08 16.15
N CYS D 45 -30.62 9.90 16.58
CA CYS D 45 -29.69 8.91 17.12
C CYS D 45 -29.09 8.00 16.05
N GLY D 46 -29.49 8.14 14.79
CA GLY D 46 -28.88 7.36 13.73
C GLY D 46 -29.42 5.96 13.56
N GLY D 47 -30.54 5.62 14.20
CA GLY D 47 -31.25 4.40 13.91
C GLY D 47 -31.13 3.25 14.88
N SER D 48 -30.87 3.53 16.17
CA SER D 48 -30.71 2.49 17.17
C SER D 48 -31.85 2.47 18.18
N ALA D 49 -32.97 3.12 17.88
CA ALA D 49 -34.11 3.23 18.79
C ALA D 49 -33.67 3.86 20.12
N SER D 50 -33.15 5.08 20.01
CA SER D 50 -32.56 5.78 21.15
C SER D 50 -32.99 7.24 21.26
N CYS D 51 -33.72 7.78 20.30
CA CYS D 51 -34.06 9.20 20.37
C CYS D 51 -35.55 9.48 20.18
N ALA D 52 -36.23 8.60 19.45
CA ALA D 52 -37.65 8.73 19.10
C ALA D 52 -37.95 9.91 18.18
N THR D 53 -36.95 10.43 17.47
CA THR D 53 -37.19 11.51 16.51
C THR D 53 -37.43 10.98 15.09
N CYS D 54 -37.72 9.69 14.93
CA CYS D 54 -38.08 9.11 13.64
C CYS D 54 -39.51 8.59 13.67
N HIS D 55 -40.35 9.17 14.52
CA HIS D 55 -41.71 8.70 14.74
C HIS D 55 -42.54 8.77 13.45
N VAL D 56 -43.23 7.67 13.13
CA VAL D 56 -44.19 7.63 12.04
C VAL D 56 -45.41 6.80 12.46
N TYR D 57 -46.54 7.05 11.80
CA TYR D 57 -47.75 6.25 11.97
C TYR D 57 -47.89 5.33 10.77
N VAL D 58 -47.83 4.03 11.01
CA VAL D 58 -47.92 3.04 9.94
C VAL D 58 -49.37 2.85 9.54
N ASN D 59 -49.67 3.06 8.26
CA ASN D 59 -51.00 2.83 7.72
C ASN D 59 -51.47 1.42 8.04
N GLU D 60 -52.72 1.29 8.51
CA GLU D 60 -53.25 0.02 8.98
C GLU D 60 -53.34 -1.05 7.89
N ALA D 61 -53.26 -0.68 6.61
CA ALA D 61 -53.19 -1.69 5.55
C ALA D 61 -51.85 -2.40 5.50
N PHE D 62 -50.86 -1.97 6.30
CA PHE D 62 -49.55 -2.58 6.30
C PHE D 62 -49.06 -3.02 7.67
N THR D 63 -49.80 -2.73 8.76
CA THR D 63 -49.34 -3.10 10.09
C THR D 63 -49.20 -4.60 10.25
N ASP D 64 -49.92 -5.40 9.45
CA ASP D 64 -49.80 -6.85 9.50
C ASP D 64 -48.53 -7.34 8.82
N LYS D 65 -47.95 -6.58 7.89
CA LYS D 65 -46.77 -7.01 7.16
C LYS D 65 -45.47 -6.55 7.82
N VAL D 66 -45.50 -5.43 8.52
CA VAL D 66 -44.29 -4.94 9.19
C VAL D 66 -44.01 -5.80 10.42
N PRO D 67 -42.79 -6.32 10.59
CA PRO D 67 -42.50 -7.10 11.80
C PRO D 67 -42.66 -6.27 13.06
N ALA D 68 -43.05 -6.94 14.14
CA ALA D 68 -43.41 -6.26 15.38
C ALA D 68 -42.19 -5.55 15.98
N ALA D 69 -42.50 -4.54 16.80
CA ALA D 69 -41.46 -3.79 17.50
C ALA D 69 -40.87 -4.62 18.63
N ASN D 70 -39.55 -4.53 18.79
CA ASN D 70 -38.89 -5.18 19.92
C ASN D 70 -39.08 -4.34 21.17
N GLU D 71 -38.59 -4.86 22.30
CA GLU D 71 -38.83 -4.22 23.60
C GLU D 71 -38.18 -2.83 23.68
N ARG D 72 -37.04 -2.63 23.01
CA ARG D 72 -36.37 -1.33 23.07
C ARG D 72 -37.20 -0.26 22.36
N GLU D 73 -37.74 -0.59 21.19
CA GLU D 73 -38.60 0.35 20.47
C GLU D 73 -39.87 0.66 21.26
N ILE D 74 -40.45 -0.37 21.91
CA ILE D 74 -41.66 -0.16 22.70
C ILE D 74 -41.40 0.86 23.81
N GLY D 75 -40.31 0.67 24.56
CA GLY D 75 -40.00 1.61 25.62
C GLY D 75 -39.69 3.00 25.11
N MET D 76 -38.90 3.10 24.03
CA MET D 76 -38.54 4.40 23.49
C MET D 76 -39.75 5.14 22.94
N LEU D 77 -40.73 4.42 22.39
CA LEU D 77 -41.90 5.05 21.80
C LEU D 77 -42.72 5.83 22.84
N GLU D 78 -42.57 5.52 24.12
CA GLU D 78 -43.30 6.27 25.14
C GLU D 78 -42.85 7.73 25.21
N SER D 79 -41.69 8.05 24.64
CA SER D 79 -41.10 9.38 24.72
C SER D 79 -41.42 10.26 23.52
N VAL D 80 -42.24 9.79 22.57
CA VAL D 80 -42.54 10.59 21.39
C VAL D 80 -43.22 11.89 21.82
N THR D 81 -42.92 12.98 21.13
CA THR D 81 -43.52 14.26 21.48
C THR D 81 -44.92 14.41 20.88
N ALA D 82 -45.13 13.88 19.67
CA ALA D 82 -46.45 13.93 19.08
C ALA D 82 -47.32 12.82 19.67
N GLU D 83 -48.59 12.80 19.30
CA GLU D 83 -49.52 11.83 19.87
C GLU D 83 -49.04 10.41 19.60
N LEU D 84 -49.06 9.60 20.65
CA LEU D 84 -48.74 8.18 20.54
C LEU D 84 -50.01 7.42 20.18
N LYS D 85 -50.01 6.77 19.02
CA LYS D 85 -51.16 6.06 18.50
C LYS D 85 -50.86 4.56 18.45
N PRO D 86 -51.89 3.71 18.31
CA PRO D 86 -51.62 2.27 18.28
C PRO D 86 -50.71 1.85 17.14
N ASN D 87 -50.74 2.54 16.00
CA ASN D 87 -49.89 2.21 14.88
C ASN D 87 -48.61 3.04 14.84
N SER D 88 -48.21 3.61 15.98
CA SER D 88 -46.98 4.40 16.04
C SER D 88 -45.76 3.49 15.99
N ARG D 89 -44.75 3.89 15.22
CA ARG D 89 -43.53 3.11 15.10
C ARG D 89 -42.33 4.04 14.98
N LEU D 90 -41.17 3.49 15.31
CA LEU D 90 -39.89 4.13 15.03
C LEU D 90 -39.45 3.65 13.65
N CYS D 91 -39.55 4.52 12.65
CA CYS D 91 -39.29 4.10 11.28
C CYS D 91 -37.84 3.69 11.05
N CYS D 92 -36.94 3.98 11.99
CA CYS D 92 -35.59 3.42 11.89
C CYS D 92 -35.58 1.91 12.13
N GLN D 93 -36.66 1.36 12.69
CA GLN D 93 -36.79 -0.07 12.91
C GLN D 93 -37.57 -0.77 11.80
N ILE D 94 -38.12 -0.01 10.84
CA ILE D 94 -38.84 -0.59 9.71
C ILE D 94 -37.84 -0.73 8.57
N ILE D 95 -37.39 -1.96 8.34
CA ILE D 95 -36.45 -2.26 7.26
C ILE D 95 -37.25 -2.58 6.00
N MET D 96 -36.92 -1.90 4.91
CA MET D 96 -37.70 -2.05 3.69
C MET D 96 -37.45 -3.40 3.04
N THR D 97 -38.51 -3.97 2.48
CA THR D 97 -38.48 -5.20 1.70
C THR D 97 -39.51 -5.06 0.59
N PRO D 98 -39.38 -5.85 -0.49
CA PRO D 98 -40.41 -5.81 -1.54
C PRO D 98 -41.80 -6.20 -1.05
N GLU D 99 -41.93 -6.99 0.01
CA GLU D 99 -43.27 -7.29 0.51
C GLU D 99 -43.91 -6.09 1.18
N LEU D 100 -43.14 -5.04 1.46
CA LEU D 100 -43.67 -3.79 2.00
C LEU D 100 -43.84 -2.73 0.91
N ASP D 101 -43.63 -3.10 -0.35
CA ASP D 101 -43.78 -2.15 -1.46
C ASP D 101 -45.10 -1.42 -1.37
N GLY D 102 -45.05 -0.09 -1.53
CA GLY D 102 -46.22 0.74 -1.38
C GLY D 102 -46.59 1.11 0.04
N ILE D 103 -45.74 0.78 1.03
CA ILE D 103 -46.07 1.10 2.42
C ILE D 103 -46.23 2.60 2.57
N VAL D 104 -47.33 3.00 3.20
CA VAL D 104 -47.65 4.39 3.47
C VAL D 104 -47.44 4.66 4.95
N VAL D 105 -46.70 5.72 5.25
CA VAL D 105 -46.49 6.14 6.63
C VAL D 105 -46.88 7.61 6.74
N ASP D 106 -47.61 7.94 7.80
CA ASP D 106 -47.91 9.32 8.13
C ASP D 106 -46.87 9.85 9.11
N VAL D 107 -46.36 11.04 8.85
CA VAL D 107 -45.30 11.65 9.64
C VAL D 107 -45.90 12.73 10.52
N PRO D 108 -45.69 12.69 11.83
CA PRO D 108 -46.34 13.67 12.72
C PRO D 108 -45.79 15.07 12.52
N ASP D 109 -46.44 16.03 13.20
CA ASP D 109 -46.09 17.43 13.05
C ASP D 109 -44.79 17.80 13.76
N ARG D 110 -44.28 16.94 14.63
CA ARG D 110 -43.05 17.24 15.35
C ARG D 110 -42.37 15.94 15.77
N GLN D 111 -41.04 15.98 15.80
CA GLN D 111 -40.19 14.93 16.36
C GLN D 111 -39.48 15.39 17.62
N TRP D 112 -38.98 16.62 17.64
CA TRP D 112 -38.50 17.25 18.86
C TRP D 112 -39.69 17.75 19.67
#